data_9F27
#
_entry.id   9F27
#
_entity_poly.entity_id   1
_entity_poly.type   'polypeptide(L)'
_entity_poly.pdbx_seq_one_letter_code
;GTGGIMMEERSIEEPMEELLEEEIPEEKEENELLEKAKEDILNILRQKRTAISRKYILKKLGDKYDEETIDDAITELLAQ
GEIYEPETGYYKLL
;
_entity_poly.pdbx_strand_id   A
#
# COMPACT_ATOMS: atom_id res chain seq x y z
N GLY A 1 -14.11 -9.66 -35.89
CA GLY A 1 -15.29 -9.70 -36.79
C GLY A 1 -15.65 -8.32 -37.30
N THR A 2 -16.73 -8.24 -38.07
CA THR A 2 -17.18 -6.97 -38.61
C THR A 2 -18.06 -6.21 -37.61
N GLY A 3 -17.45 -5.28 -36.89
CA GLY A 3 -18.19 -4.50 -35.91
C GLY A 3 -18.14 -5.10 -34.53
N GLY A 4 -18.32 -6.41 -34.46
CA GLY A 4 -18.27 -7.10 -33.18
C GLY A 4 -17.48 -8.39 -33.30
N ILE A 5 -17.25 -9.04 -32.17
CA ILE A 5 -16.48 -10.27 -32.16
C ILE A 5 -17.38 -11.48 -32.41
N MET A 6 -17.86 -11.58 -33.64
CA MET A 6 -18.65 -12.73 -34.05
C MET A 6 -17.77 -13.77 -34.71
N MET A 7 -17.80 -14.98 -34.17
CA MET A 7 -16.96 -16.07 -34.66
C MET A 7 -17.73 -16.97 -35.62
N GLU A 8 -17.24 -18.19 -35.81
CA GLU A 8 -17.93 -19.18 -36.64
C GLU A 8 -19.31 -19.45 -36.06
N GLU A 9 -19.34 -19.71 -34.76
CA GLU A 9 -20.59 -19.76 -34.02
C GLU A 9 -21.03 -18.34 -33.74
N ARG A 10 -22.34 -18.10 -33.76
CA ARG A 10 -22.86 -16.75 -33.61
C ARG A 10 -22.71 -16.25 -32.17
N SER A 11 -21.54 -15.72 -31.88
CA SER A 11 -21.25 -15.14 -30.59
C SER A 11 -21.89 -13.76 -30.47
N ILE A 12 -22.99 -13.69 -29.73
CA ILE A 12 -23.69 -12.43 -29.54
C ILE A 12 -23.79 -12.09 -28.06
N GLU A 13 -22.66 -11.97 -27.40
CA GLU A 13 -22.62 -11.58 -26.00
C GLU A 13 -22.94 -10.10 -25.86
N GLU A 14 -22.89 -9.39 -26.98
CA GLU A 14 -23.29 -8.00 -27.04
C GLU A 14 -24.74 -7.92 -27.50
N PRO A 15 -25.67 -7.76 -26.55
CA PRO A 15 -27.11 -7.76 -26.83
C PRO A 15 -27.64 -6.35 -27.10
N MET A 16 -28.92 -6.26 -27.39
CA MET A 16 -29.55 -4.97 -27.65
C MET A 16 -30.22 -4.45 -26.39
N GLU A 17 -29.69 -4.85 -25.24
CA GLU A 17 -30.21 -4.41 -23.95
C GLU A 17 -29.71 -3.00 -23.64
N GLU A 18 -30.58 -2.01 -23.83
CA GLU A 18 -30.20 -0.63 -23.60
C GLU A 18 -30.36 -0.25 -22.13
N LEU A 19 -30.92 -1.17 -21.34
CA LEU A 19 -31.07 -0.95 -19.91
C LEU A 19 -29.72 -0.92 -19.22
N LEU A 20 -28.79 -1.71 -19.75
CA LEU A 20 -27.44 -1.78 -19.18
C LEU A 20 -26.45 -2.24 -20.24
N GLU A 21 -25.61 -1.32 -20.69
CA GLU A 21 -24.54 -1.64 -21.63
C GLU A 21 -23.35 -2.21 -20.89
N GLU A 22 -22.67 -1.36 -20.15
CA GLU A 22 -21.52 -1.76 -19.34
C GLU A 22 -21.59 -1.09 -17.97
N GLU A 23 -21.37 0.23 -17.96
CA GLU A 23 -21.40 1.04 -16.75
C GLU A 23 -20.45 0.48 -15.69
N ILE A 24 -19.17 0.81 -15.83
CA ILE A 24 -18.15 0.29 -14.94
C ILE A 24 -18.06 1.15 -13.67
N PRO A 25 -18.22 0.53 -12.49
CA PRO A 25 -18.09 1.21 -11.21
C PRO A 25 -16.72 1.87 -11.06
N GLU A 26 -16.71 3.15 -10.73
CA GLU A 26 -15.46 3.88 -10.60
C GLU A 26 -14.74 3.46 -9.32
N GLU A 27 -13.62 2.79 -9.49
CA GLU A 27 -12.79 2.38 -8.36
C GLU A 27 -11.46 3.11 -8.42
N LYS A 28 -11.54 4.42 -8.20
CA LYS A 28 -10.37 5.29 -8.29
C LYS A 28 -9.81 5.56 -6.90
N GLU A 29 -9.15 4.57 -6.35
CA GLU A 29 -8.59 4.69 -5.01
C GLU A 29 -7.23 5.39 -5.04
N GLU A 30 -6.98 6.22 -4.05
CA GLU A 30 -5.71 6.89 -3.91
C GLU A 30 -4.74 5.97 -3.17
N ASN A 31 -4.01 5.15 -3.91
CA ASN A 31 -3.13 4.16 -3.32
C ASN A 31 -1.78 4.75 -2.97
N GLU A 32 -1.70 6.08 -3.00
CA GLU A 32 -0.46 6.79 -2.72
C GLU A 32 0.00 6.52 -1.28
N LEU A 33 -0.97 6.41 -0.37
CA LEU A 33 -0.66 6.15 1.02
C LEU A 33 0.02 4.80 1.17
N LEU A 34 -0.53 3.79 0.49
CA LEU A 34 0.03 2.46 0.52
C LEU A 34 1.40 2.44 -0.16
N GLU A 35 1.55 3.25 -1.19
CA GLU A 35 2.82 3.37 -1.90
C GLU A 35 3.89 3.92 -0.97
N LYS A 36 3.54 4.98 -0.26
CA LYS A 36 4.45 5.61 0.68
C LYS A 36 4.73 4.69 1.86
N ALA A 37 3.72 3.94 2.28
CA ALA A 37 3.88 2.97 3.35
C ALA A 37 4.92 1.92 2.98
N LYS A 38 4.80 1.37 1.77
CA LYS A 38 5.75 0.37 1.31
C LYS A 38 7.14 1.00 1.19
N GLU A 39 7.17 2.21 0.65
CA GLU A 39 8.40 2.95 0.47
C GLU A 39 9.10 3.21 1.80
N ASP A 40 8.30 3.53 2.81
CA ASP A 40 8.82 3.82 4.14
C ASP A 40 9.38 2.55 4.76
N ILE A 41 8.65 1.44 4.60
CA ILE A 41 9.11 0.14 5.09
C ILE A 41 10.43 -0.24 4.42
N LEU A 42 10.50 -0.03 3.11
CA LEU A 42 11.70 -0.32 2.36
C LEU A 42 12.85 0.56 2.82
N ASN A 43 12.55 1.82 3.17
CA ASN A 43 13.56 2.72 3.69
C ASN A 43 14.11 2.18 5.02
N ILE A 44 13.22 1.67 5.85
CA ILE A 44 13.61 1.10 7.14
C ILE A 44 14.47 -0.14 6.93
N LEU A 45 13.98 -1.05 6.08
CA LEU A 45 14.70 -2.28 5.79
C LEU A 45 16.06 -1.98 5.16
N ARG A 46 16.09 -0.98 4.28
CA ARG A 46 17.30 -0.61 3.56
C ARG A 46 18.31 0.07 4.49
N GLN A 47 17.78 0.81 5.47
CA GLN A 47 18.61 1.60 6.37
C GLN A 47 19.60 0.72 7.12
N LYS A 48 19.14 -0.44 7.55
CA LYS A 48 20.00 -1.38 8.26
C LYS A 48 20.45 -2.51 7.35
N ARG A 49 19.73 -2.68 6.23
CA ARG A 49 20.01 -3.71 5.23
C ARG A 49 20.10 -5.10 5.87
N THR A 50 19.30 -5.30 6.91
CA THR A 50 19.28 -6.57 7.63
C THR A 50 17.85 -7.04 7.81
N ALA A 51 17.68 -8.27 8.31
CA ALA A 51 16.36 -8.81 8.59
C ALA A 51 15.75 -8.13 9.81
N ILE A 52 14.67 -7.41 9.59
CA ILE A 52 14.03 -6.63 10.64
C ILE A 52 12.73 -7.31 11.05
N SER A 53 12.45 -7.31 12.35
CA SER A 53 11.24 -7.92 12.88
C SER A 53 9.99 -7.18 12.39
N ARG A 54 9.00 -7.96 12.00
CA ARG A 54 7.70 -7.45 11.56
C ARG A 54 7.03 -6.68 12.69
N LYS A 55 7.23 -7.16 13.91
CA LYS A 55 6.69 -6.49 15.09
C LYS A 55 7.40 -5.17 15.31
N TYR A 56 8.70 -5.15 15.04
CA TYR A 56 9.50 -3.93 15.15
C TYR A 56 9.06 -2.92 14.09
N ILE A 57 8.71 -3.42 12.91
CA ILE A 57 8.20 -2.57 11.84
C ILE A 57 6.87 -1.95 12.24
N LEU A 58 5.97 -2.79 12.76
CA LEU A 58 4.68 -2.32 13.25
C LEU A 58 4.86 -1.32 14.38
N LYS A 59 5.86 -1.55 15.22
CA LYS A 59 6.15 -0.66 16.33
C LYS A 59 6.70 0.69 15.83
N LYS A 60 7.65 0.62 14.90
CA LYS A 60 8.34 1.82 14.43
C LYS A 60 7.41 2.70 13.61
N LEU A 61 6.61 2.08 12.76
CA LEU A 61 5.72 2.83 11.89
C LEU A 61 4.35 3.03 12.53
N GLY A 62 4.23 2.63 13.79
CA GLY A 62 2.97 2.77 14.50
C GLY A 62 2.54 4.23 14.63
N ASP A 63 3.50 5.14 14.67
CA ASP A 63 3.21 6.56 14.75
C ASP A 63 3.20 7.21 13.37
N LYS A 64 3.47 6.41 12.34
CA LYS A 64 3.59 6.94 10.98
C LYS A 64 2.47 6.41 10.07
N TYR A 65 2.06 5.17 10.29
CA TYR A 65 1.01 4.54 9.50
C TYR A 65 0.15 3.67 10.41
N ASP A 66 -1.08 3.40 10.00
CA ASP A 66 -1.92 2.49 10.75
C ASP A 66 -1.43 1.06 10.57
N GLU A 67 -1.58 0.24 11.60
CA GLU A 67 -1.06 -1.12 11.61
C GLU A 67 -1.55 -1.88 10.38
N GLU A 68 -2.84 -1.73 10.11
CA GLU A 68 -3.48 -2.38 8.98
C GLU A 68 -2.80 -2.01 7.67
N THR A 69 -2.52 -0.71 7.51
CA THR A 69 -1.89 -0.21 6.31
C THR A 69 -0.47 -0.78 6.19
N ILE A 70 0.21 -0.87 7.33
CA ILE A 70 1.54 -1.44 7.37
C ILE A 70 1.50 -2.90 6.96
N ASP A 71 0.50 -3.60 7.46
CA ASP A 71 0.33 -5.02 7.17
C ASP A 71 0.10 -5.24 5.68
N ASP A 72 -0.76 -4.41 5.09
CA ASP A 72 -1.01 -4.47 3.65
C ASP A 72 0.26 -4.17 2.88
N ALA A 73 1.00 -3.17 3.35
CA ALA A 73 2.25 -2.77 2.72
C ALA A 73 3.26 -3.92 2.73
N ILE A 74 3.38 -4.57 3.88
CA ILE A 74 4.27 -5.70 4.03
C ILE A 74 3.86 -6.84 3.12
N THR A 75 2.56 -7.11 3.09
CA THR A 75 2.03 -8.18 2.24
C THR A 75 2.29 -7.88 0.76
N GLU A 76 2.10 -6.62 0.38
CA GLU A 76 2.37 -6.19 -0.99
C GLU A 76 3.84 -6.38 -1.34
N LEU A 77 4.72 -5.95 -0.44
CA LEU A 77 6.16 -6.08 -0.65
C LEU A 77 6.58 -7.54 -0.71
N LEU A 78 5.94 -8.36 0.12
CA LEU A 78 6.21 -9.78 0.15
C LEU A 78 5.75 -10.43 -1.15
N ALA A 79 4.58 -10.03 -1.61
CA ALA A 79 4.01 -10.55 -2.85
C ALA A 79 4.80 -10.08 -4.06
N GLN A 80 5.33 -8.86 -3.99
CA GLN A 80 6.12 -8.31 -5.08
C GLN A 80 7.49 -8.98 -5.12
N GLY A 81 7.82 -9.68 -4.04
CA GLY A 81 9.08 -10.39 -3.96
C GLY A 81 10.25 -9.49 -3.62
N GLU A 82 9.95 -8.29 -3.15
CA GLU A 82 10.99 -7.34 -2.79
C GLU A 82 11.54 -7.62 -1.41
N ILE A 83 10.72 -8.26 -0.58
CA ILE A 83 11.15 -8.66 0.74
C ILE A 83 10.85 -10.14 0.95
N TYR A 84 11.60 -10.75 1.82
CA TYR A 84 11.39 -12.14 2.17
C TYR A 84 11.68 -12.34 3.65
N GLU A 85 11.15 -13.42 4.20
CA GLU A 85 11.33 -13.70 5.62
C GLU A 85 12.21 -14.94 5.82
N PRO A 86 13.52 -14.74 6.07
CA PRO A 86 14.45 -15.85 6.32
C PRO A 86 14.17 -16.51 7.67
N GLU A 87 13.47 -15.79 8.53
CA GLU A 87 13.10 -16.30 9.84
C GLU A 87 11.70 -15.82 10.17
N THR A 88 10.97 -16.60 10.94
CA THR A 88 9.60 -16.29 11.27
C THR A 88 9.51 -14.97 12.04
N GLY A 89 8.82 -14.02 11.46
CA GLY A 89 8.66 -12.72 12.09
C GLY A 89 9.74 -11.72 11.69
N TYR A 90 10.73 -12.18 10.92
CA TYR A 90 11.81 -11.30 10.48
C TYR A 90 11.80 -11.16 8.97
N TYR A 91 11.87 -9.94 8.47
CA TYR A 91 11.78 -9.70 7.03
C TYR A 91 13.00 -8.96 6.52
N LYS A 92 13.41 -9.31 5.32
CA LYS A 92 14.63 -8.79 4.72
C LYS A 92 14.35 -8.36 3.29
N LEU A 93 14.74 -7.13 2.95
CA LEU A 93 14.60 -6.65 1.58
C LEU A 93 15.71 -7.26 0.72
N LEU A 94 15.34 -7.69 -0.47
CA LEU A 94 16.30 -8.29 -1.38
C LEU A 94 16.96 -7.22 -2.22
N GLY A 1 -45.53 -9.47 -26.92
CA GLY A 1 -46.36 -10.60 -27.40
C GLY A 1 -47.38 -10.16 -28.41
N THR A 2 -48.62 -10.60 -28.23
CA THR A 2 -49.70 -10.23 -29.12
C THR A 2 -50.86 -9.63 -28.32
N GLY A 3 -50.76 -8.34 -28.08
CA GLY A 3 -51.78 -7.66 -27.30
C GLY A 3 -51.41 -7.58 -25.83
N GLY A 4 -51.76 -6.49 -25.19
CA GLY A 4 -51.46 -6.33 -23.78
C GLY A 4 -52.52 -6.95 -22.90
N ILE A 5 -52.93 -8.16 -23.27
CA ILE A 5 -53.99 -8.87 -22.58
C ILE A 5 -53.50 -9.40 -21.24
N MET A 6 -54.00 -8.80 -20.16
CA MET A 6 -53.73 -9.25 -18.79
C MET A 6 -52.32 -8.90 -18.32
N MET A 7 -51.33 -9.12 -19.18
CA MET A 7 -49.94 -8.83 -18.83
C MET A 7 -49.14 -8.45 -20.08
N GLU A 8 -48.27 -7.47 -19.94
CA GLU A 8 -47.34 -7.10 -20.99
C GLU A 8 -45.92 -7.45 -20.58
N GLU A 9 -45.08 -7.77 -21.55
CA GLU A 9 -43.68 -8.10 -21.28
C GLU A 9 -42.82 -6.84 -21.36
N ARG A 10 -43.45 -5.69 -21.15
CA ARG A 10 -42.77 -4.41 -21.18
C ARG A 10 -42.72 -3.80 -19.78
N SER A 11 -42.83 -4.64 -18.77
CA SER A 11 -42.85 -4.18 -17.40
C SER A 11 -41.42 -4.01 -16.87
N ILE A 12 -40.93 -2.78 -16.86
CA ILE A 12 -39.60 -2.48 -16.35
C ILE A 12 -39.69 -1.93 -14.93
N GLU A 13 -39.18 -2.67 -13.98
CA GLU A 13 -39.24 -2.28 -12.58
C GLU A 13 -37.85 -2.37 -11.96
N GLU A 14 -37.59 -1.55 -10.95
CA GLU A 14 -36.28 -1.50 -10.29
C GLU A 14 -35.17 -1.24 -11.31
N PRO A 15 -35.18 -0.06 -11.96
CA PRO A 15 -34.20 0.27 -12.99
C PRO A 15 -32.88 0.76 -12.40
N MET A 16 -32.01 -0.17 -12.04
CA MET A 16 -30.69 0.16 -11.50
C MET A 16 -29.84 0.82 -12.58
N GLU A 17 -30.30 0.74 -13.82
CA GLU A 17 -29.68 1.47 -14.92
C GLU A 17 -29.74 2.97 -14.69
N GLU A 18 -30.66 3.39 -13.84
CA GLU A 18 -30.83 4.80 -13.50
C GLU A 18 -29.94 5.20 -12.33
N LEU A 19 -28.88 4.43 -12.11
CA LEU A 19 -27.92 4.76 -11.07
C LEU A 19 -26.78 5.57 -11.65
N LEU A 20 -26.87 6.89 -11.51
CA LEU A 20 -25.86 7.79 -12.03
C LEU A 20 -24.63 7.76 -11.14
N GLU A 21 -23.50 7.42 -11.74
CA GLU A 21 -22.23 7.38 -11.03
C GLU A 21 -21.10 7.77 -11.97
N GLU A 22 -20.01 8.24 -11.40
CA GLU A 22 -18.86 8.65 -12.18
C GLU A 22 -17.94 7.45 -12.42
N GLU A 23 -17.84 7.03 -13.67
CA GLU A 23 -16.98 5.91 -14.03
C GLU A 23 -15.80 6.43 -14.86
N ILE A 24 -15.19 7.49 -14.36
CA ILE A 24 -14.06 8.10 -15.06
C ILE A 24 -12.76 7.51 -14.55
N PRO A 25 -12.00 6.84 -15.43
CA PRO A 25 -10.71 6.21 -15.08
C PRO A 25 -9.61 7.24 -14.84
N GLU A 26 -9.92 8.26 -14.06
CA GLU A 26 -8.94 9.26 -13.69
C GLU A 26 -8.24 8.82 -12.41
N GLU A 27 -9.03 8.57 -11.39
CA GLU A 27 -8.52 8.07 -10.12
C GLU A 27 -8.19 6.59 -10.24
N LYS A 28 -6.91 6.26 -10.08
CA LYS A 28 -6.48 4.87 -10.17
C LYS A 28 -6.25 4.29 -8.78
N GLU A 29 -7.18 4.62 -7.88
CA GLU A 29 -7.11 4.24 -6.47
C GLU A 29 -5.92 4.92 -5.78
N GLU A 30 -6.23 5.78 -4.81
CA GLU A 30 -5.19 6.48 -4.07
C GLU A 30 -4.47 5.56 -3.11
N ASN A 31 -3.65 4.68 -3.68
CA ASN A 31 -2.83 3.77 -2.90
C ASN A 31 -1.47 4.42 -2.67
N GLU A 32 -1.42 5.73 -2.81
CA GLU A 32 -0.22 6.51 -2.59
C GLU A 32 0.24 6.36 -1.15
N LEU A 33 -0.72 6.24 -0.24
CA LEU A 33 -0.43 6.01 1.17
C LEU A 33 0.28 4.68 1.32
N LEU A 34 -0.21 3.69 0.58
CA LEU A 34 0.36 2.36 0.57
C LEU A 34 1.76 2.39 -0.01
N GLU A 35 1.94 3.15 -1.09
CA GLU A 35 3.26 3.30 -1.71
C GLU A 35 4.23 3.92 -0.73
N LYS A 36 3.78 4.94 -0.02
CA LYS A 36 4.62 5.63 0.95
C LYS A 36 4.97 4.71 2.12
N ALA A 37 4.01 3.89 2.52
CA ALA A 37 4.23 2.91 3.57
C ALA A 37 5.24 1.87 3.12
N LYS A 38 5.07 1.39 1.91
CA LYS A 38 5.97 0.40 1.32
C LYS A 38 7.38 0.99 1.20
N GLU A 39 7.43 2.23 0.76
CA GLU A 39 8.68 2.96 0.61
C GLU A 39 9.38 3.09 1.95
N ASP A 40 8.61 3.42 2.98
CA ASP A 40 9.18 3.61 4.30
C ASP A 40 9.70 2.30 4.86
N ILE A 41 8.93 1.23 4.66
CA ILE A 41 9.35 -0.10 5.10
C ILE A 41 10.63 -0.51 4.40
N LEU A 42 10.68 -0.31 3.09
CA LEU A 42 11.87 -0.62 2.31
C LEU A 42 13.04 0.22 2.77
N ASN A 43 12.76 1.46 3.16
CA ASN A 43 13.80 2.35 3.69
C ASN A 43 14.34 1.80 5.00
N ILE A 44 13.45 1.29 5.85
CA ILE A 44 13.84 0.70 7.12
C ILE A 44 14.75 -0.50 6.88
N LEU A 45 14.30 -1.38 5.99
CA LEU A 45 15.02 -2.60 5.69
C LEU A 45 16.37 -2.30 5.04
N ARG A 46 16.38 -1.35 4.11
CA ARG A 46 17.60 -1.00 3.38
C ARG A 46 18.57 -0.26 4.29
N GLN A 47 18.05 0.58 5.15
CA GLN A 47 18.88 1.42 6.03
C GLN A 47 19.69 0.57 6.99
N LYS A 48 19.08 -0.46 7.54
CA LYS A 48 19.78 -1.32 8.48
C LYS A 48 20.39 -2.52 7.77
N ARG A 49 19.93 -2.73 6.52
CA ARG A 49 20.50 -3.73 5.61
C ARG A 49 20.54 -5.12 6.25
N THR A 50 19.55 -5.40 7.09
CA THR A 50 19.48 -6.65 7.82
C THR A 50 18.03 -7.10 7.98
N ALA A 51 17.85 -8.32 8.49
CA ALA A 51 16.52 -8.84 8.76
C ALA A 51 15.89 -8.10 9.94
N ILE A 52 14.79 -7.41 9.67
CA ILE A 52 14.13 -6.58 10.67
C ILE A 52 12.80 -7.20 11.08
N SER A 53 12.51 -7.18 12.37
CA SER A 53 11.29 -7.77 12.89
C SER A 53 10.07 -6.96 12.42
N ARG A 54 9.04 -7.68 12.03
CA ARG A 54 7.79 -7.08 11.57
C ARG A 54 7.12 -6.30 12.70
N LYS A 55 7.33 -6.74 13.94
CA LYS A 55 6.78 -6.04 15.09
C LYS A 55 7.47 -4.71 15.25
N TYR A 56 8.76 -4.66 14.92
CA TYR A 56 9.51 -3.41 14.95
C TYR A 56 8.98 -2.46 13.88
N ILE A 57 8.58 -3.02 12.74
CA ILE A 57 8.00 -2.22 11.67
C ILE A 57 6.65 -1.66 12.11
N LEU A 58 5.85 -2.51 12.75
CA LEU A 58 4.57 -2.08 13.32
C LEU A 58 4.80 -1.02 14.39
N LYS A 59 5.88 -1.19 15.15
CA LYS A 59 6.25 -0.25 16.19
C LYS A 59 6.69 1.09 15.60
N LYS A 60 7.53 1.02 14.57
CA LYS A 60 8.15 2.21 14.01
C LYS A 60 7.14 3.05 13.25
N LEU A 61 6.29 2.40 12.47
CA LEU A 61 5.32 3.10 11.65
C LEU A 61 3.98 3.25 12.37
N GLY A 62 3.93 2.77 13.60
CA GLY A 62 2.68 2.77 14.36
C GLY A 62 2.08 4.16 14.54
N ASP A 63 2.91 5.18 14.59
CA ASP A 63 2.43 6.54 14.82
C ASP A 63 2.00 7.20 13.52
N LYS A 64 2.36 6.61 12.40
CA LYS A 64 2.12 7.23 11.10
C LYS A 64 1.14 6.43 10.26
N TYR A 65 1.16 5.11 10.41
CA TYR A 65 0.29 4.23 9.64
C TYR A 65 -0.36 3.22 10.57
N ASP A 66 -1.61 2.87 10.29
CA ASP A 66 -2.31 1.89 11.11
C ASP A 66 -1.79 0.50 10.81
N GLU A 67 -1.88 -0.40 11.79
CA GLU A 67 -1.31 -1.73 11.66
C GLU A 67 -1.80 -2.45 10.41
N GLU A 68 -3.08 -2.35 10.13
CA GLU A 68 -3.67 -2.96 8.95
C GLU A 68 -3.02 -2.43 7.68
N THR A 69 -2.79 -1.13 7.63
CA THR A 69 -2.17 -0.50 6.48
C THR A 69 -0.73 -0.98 6.34
N ILE A 70 -0.04 -1.11 7.47
CA ILE A 70 1.32 -1.62 7.49
C ILE A 70 1.35 -3.07 7.01
N ASP A 71 0.38 -3.84 7.46
CA ASP A 71 0.25 -5.24 7.05
C ASP A 71 0.02 -5.32 5.55
N ASP A 72 -0.81 -4.42 5.02
CA ASP A 72 -1.06 -4.37 3.59
C ASP A 72 0.21 -4.06 2.84
N ALA A 73 0.98 -3.11 3.37
CA ALA A 73 2.25 -2.73 2.78
C ALA A 73 3.21 -3.90 2.76
N ILE A 74 3.32 -4.58 3.89
CA ILE A 74 4.19 -5.74 4.02
C ILE A 74 3.74 -6.86 3.08
N THR A 75 2.45 -7.14 3.10
CA THR A 75 1.88 -8.19 2.26
C THR A 75 2.10 -7.87 0.78
N GLU A 76 1.93 -6.60 0.43
CA GLU A 76 2.13 -6.16 -0.94
C GLU A 76 3.60 -6.30 -1.35
N LEU A 77 4.49 -5.88 -0.46
CA LEU A 77 5.93 -5.99 -0.70
C LEU A 77 6.34 -7.45 -0.82
N LEU A 78 5.72 -8.30 -0.02
CA LEU A 78 6.00 -9.72 -0.02
C LEU A 78 5.51 -10.35 -1.32
N ALA A 79 4.31 -9.97 -1.74
CA ALA A 79 3.73 -10.46 -2.98
C ALA A 79 4.46 -9.88 -4.19
N GLN A 80 5.05 -8.71 -4.00
CA GLN A 80 5.78 -8.04 -5.08
C GLN A 80 7.19 -8.63 -5.21
N GLY A 81 7.60 -9.37 -4.19
CA GLY A 81 8.92 -9.99 -4.20
C GLY A 81 10.02 -9.01 -3.81
N GLU A 82 9.63 -7.94 -3.13
CA GLU A 82 10.59 -6.93 -2.71
C GLU A 82 11.26 -7.35 -1.40
N ILE A 83 10.53 -8.13 -0.62
CA ILE A 83 11.01 -8.59 0.67
C ILE A 83 10.76 -10.09 0.82
N TYR A 84 11.45 -10.69 1.77
CA TYR A 84 11.26 -12.09 2.08
C TYR A 84 11.41 -12.29 3.58
N GLU A 85 10.89 -13.38 4.10
CA GLU A 85 11.01 -13.69 5.53
C GLU A 85 11.95 -14.89 5.73
N PRO A 86 13.25 -14.64 5.91
CA PRO A 86 14.23 -15.70 6.13
C PRO A 86 14.13 -16.28 7.54
N GLU A 87 13.61 -15.50 8.46
CA GLU A 87 13.40 -15.93 9.82
C GLU A 87 12.02 -15.49 10.25
N THR A 88 11.30 -16.35 10.95
CA THR A 88 9.92 -16.08 11.28
C THR A 88 9.77 -14.79 12.09
N GLY A 89 9.06 -13.83 11.52
CA GLY A 89 8.87 -12.56 12.19
C GLY A 89 9.84 -11.50 11.70
N TYR A 90 10.83 -11.91 10.93
CA TYR A 90 11.85 -10.98 10.42
C TYR A 90 11.78 -10.90 8.90
N TYR A 91 11.88 -9.68 8.38
CA TYR A 91 11.83 -9.48 6.93
C TYR A 91 13.15 -8.93 6.42
N LYS A 92 13.48 -9.28 5.19
CA LYS A 92 14.70 -8.82 4.55
C LYS A 92 14.40 -8.45 3.11
N LEU A 93 14.92 -7.31 2.68
CA LEU A 93 14.70 -6.84 1.32
C LEU A 93 15.56 -7.64 0.33
N LEU A 94 14.97 -7.97 -0.81
CA LEU A 94 15.69 -8.69 -1.85
C LEU A 94 16.29 -7.72 -2.85
N GLY A 1 -28.13 37.19 -48.46
CA GLY A 1 -27.70 35.81 -48.79
C GLY A 1 -28.71 35.09 -49.65
N THR A 2 -28.40 33.86 -50.02
CA THR A 2 -29.31 33.07 -50.84
C THR A 2 -30.44 32.50 -50.00
N GLY A 3 -30.11 31.53 -49.15
CA GLY A 3 -31.12 30.95 -48.28
C GLY A 3 -31.30 31.77 -47.01
N GLY A 4 -32.38 32.54 -46.97
CA GLY A 4 -32.62 33.41 -45.84
C GLY A 4 -33.29 32.70 -44.68
N ILE A 5 -32.88 31.47 -44.42
CA ILE A 5 -33.42 30.70 -43.31
C ILE A 5 -32.65 31.01 -42.04
N MET A 6 -33.35 31.53 -41.05
CA MET A 6 -32.74 31.87 -39.78
C MET A 6 -32.45 30.61 -38.97
N MET A 7 -31.18 30.25 -38.88
CA MET A 7 -30.79 29.07 -38.11
C MET A 7 -30.71 29.44 -36.63
N GLU A 8 -31.87 29.50 -36.00
CA GLU A 8 -31.98 29.90 -34.61
C GLU A 8 -31.71 28.72 -33.69
N GLU A 9 -31.76 27.52 -34.25
CA GLU A 9 -31.44 26.30 -33.53
C GLU A 9 -29.95 26.19 -33.30
N ARG A 10 -29.56 25.93 -32.05
CA ARG A 10 -28.15 25.82 -31.67
C ARG A 10 -27.49 24.65 -32.41
N SER A 11 -26.26 24.89 -32.90
CA SER A 11 -25.47 23.90 -33.63
C SER A 11 -26.27 23.23 -34.76
N ILE A 12 -26.04 23.70 -35.99
CA ILE A 12 -26.81 23.23 -37.13
C ILE A 12 -26.70 21.72 -37.34
N GLU A 13 -25.52 21.16 -37.05
CA GLU A 13 -25.33 19.72 -37.23
C GLU A 13 -24.43 19.11 -36.15
N GLU A 14 -23.73 19.95 -35.40
CA GLU A 14 -22.84 19.47 -34.34
C GLU A 14 -23.66 18.90 -33.18
N PRO A 15 -23.50 17.60 -32.89
CA PRO A 15 -24.25 16.95 -31.82
C PRO A 15 -23.77 17.36 -30.43
N MET A 16 -24.63 18.06 -29.71
CA MET A 16 -24.30 18.54 -28.37
C MET A 16 -24.87 17.60 -27.32
N GLU A 17 -26.18 17.71 -27.09
CA GLU A 17 -26.88 16.88 -26.11
C GLU A 17 -26.26 17.05 -24.72
N GLU A 18 -26.68 16.21 -23.79
CA GLU A 18 -26.14 16.24 -22.45
C GLU A 18 -25.96 14.80 -21.94
N LEU A 19 -25.00 14.12 -22.56
CA LEU A 19 -24.73 12.73 -22.21
C LEU A 19 -23.51 12.64 -21.31
N LEU A 20 -23.75 12.48 -20.03
CA LEU A 20 -22.67 12.33 -19.07
C LEU A 20 -22.25 10.87 -18.97
N GLU A 21 -20.95 10.61 -19.07
CA GLU A 21 -20.43 9.26 -18.99
C GLU A 21 -19.18 9.25 -18.11
N GLU A 22 -19.24 9.99 -17.01
CA GLU A 22 -18.10 10.07 -16.10
C GLU A 22 -18.29 9.16 -14.91
N GLU A 23 -19.53 8.77 -14.64
CA GLU A 23 -19.84 7.88 -13.53
C GLU A 23 -19.57 6.43 -13.93
N ILE A 24 -18.48 5.89 -13.45
CA ILE A 24 -18.12 4.50 -13.73
C ILE A 24 -17.99 3.72 -12.44
N PRO A 25 -18.40 2.42 -12.45
CA PRO A 25 -18.38 1.58 -11.25
C PRO A 25 -16.96 1.24 -10.79
N GLU A 26 -15.98 1.64 -11.60
CA GLU A 26 -14.59 1.49 -11.23
C GLU A 26 -14.28 2.32 -10.00
N GLU A 27 -13.98 1.65 -8.90
CA GLU A 27 -13.66 2.34 -7.67
C GLU A 27 -12.26 2.95 -7.77
N LYS A 28 -12.15 4.20 -7.37
CA LYS A 28 -10.88 4.90 -7.38
C LYS A 28 -10.34 4.99 -5.96
N GLU A 29 -9.64 3.96 -5.54
CA GLU A 29 -9.05 3.93 -4.21
C GLU A 29 -7.72 4.68 -4.23
N GLU A 30 -7.38 5.26 -3.09
CA GLU A 30 -6.11 5.95 -2.95
C GLU A 30 -5.14 5.07 -2.18
N ASN A 31 -4.19 4.48 -2.88
CA ASN A 31 -3.21 3.61 -2.25
C ASN A 31 -1.84 4.27 -2.27
N GLU A 32 -1.82 5.57 -2.49
CA GLU A 32 -0.58 6.33 -2.47
C GLU A 32 0.07 6.31 -1.09
N LEU A 33 -0.76 6.34 -0.05
CA LEU A 33 -0.30 6.26 1.33
C LEU A 33 0.27 4.86 1.59
N LEU A 34 -0.40 3.86 1.05
CA LEU A 34 0.06 2.49 1.15
C LEU A 34 1.41 2.33 0.45
N GLU A 35 1.52 2.88 -0.74
CA GLU A 35 2.76 2.85 -1.50
C GLU A 35 3.86 3.58 -0.76
N LYS A 36 3.49 4.68 -0.11
CA LYS A 36 4.42 5.46 0.68
C LYS A 36 4.87 4.66 1.90
N ALA A 37 3.95 3.90 2.48
CA ALA A 37 4.26 3.03 3.61
C ALA A 37 5.22 1.94 3.16
N LYS A 38 4.98 1.41 1.97
CA LYS A 38 5.86 0.41 1.38
C LYS A 38 7.26 0.98 1.20
N GLU A 39 7.32 2.21 0.72
CA GLU A 39 8.58 2.92 0.54
C GLU A 39 9.28 3.07 1.88
N ASP A 40 8.54 3.48 2.89
CA ASP A 40 9.11 3.72 4.22
C ASP A 40 9.66 2.40 4.78
N ILE A 41 8.91 1.33 4.59
CA ILE A 41 9.34 0.00 5.04
C ILE A 41 10.62 -0.40 4.33
N LEU A 42 10.67 -0.18 3.03
CA LEU A 42 11.85 -0.48 2.24
C LEU A 42 13.04 0.36 2.72
N ASN A 43 12.77 1.60 3.11
CA ASN A 43 13.81 2.46 3.67
C ASN A 43 14.32 1.89 4.99
N ILE A 44 13.41 1.33 5.78
CA ILE A 44 13.79 0.70 7.05
C ILE A 44 14.70 -0.49 6.79
N LEU A 45 14.28 -1.35 5.88
CA LEU A 45 15.02 -2.55 5.53
C LEU A 45 16.37 -2.20 4.91
N ARG A 46 16.38 -1.17 4.08
CA ARG A 46 17.59 -0.75 3.38
C ARG A 46 18.59 -0.10 4.34
N GLN A 47 18.07 0.71 5.25
CA GLN A 47 18.92 1.46 6.17
C GLN A 47 19.66 0.53 7.13
N LYS A 48 18.95 -0.46 7.64
CA LYS A 48 19.50 -1.36 8.64
C LYS A 48 20.15 -2.59 7.96
N ARG A 49 19.76 -2.79 6.70
CA ARG A 49 20.34 -3.82 5.82
C ARG A 49 20.41 -5.20 6.48
N THR A 50 19.44 -5.49 7.34
CA THR A 50 19.38 -6.77 8.05
C THR A 50 17.93 -7.16 8.25
N ALA A 51 17.70 -8.38 8.76
CA ALA A 51 16.35 -8.86 8.99
C ALA A 51 15.64 -8.00 10.03
N ILE A 52 14.45 -7.53 9.69
CA ILE A 52 13.68 -6.66 10.57
C ILE A 52 12.36 -7.32 10.93
N SER A 53 12.06 -7.33 12.23
CA SER A 53 10.80 -7.86 12.71
C SER A 53 9.66 -6.89 12.41
N ARG A 54 8.52 -7.45 12.04
CA ARG A 54 7.31 -6.67 11.78
C ARG A 54 6.95 -5.83 13.01
N LYS A 55 7.22 -6.37 14.19
CA LYS A 55 6.95 -5.68 15.44
C LYS A 55 7.76 -4.38 15.52
N TYR A 56 8.99 -4.42 15.04
CA TYR A 56 9.84 -3.24 15.05
C TYR A 56 9.32 -2.21 14.04
N ILE A 57 8.81 -2.70 12.92
CA ILE A 57 8.23 -1.85 11.91
C ILE A 57 6.95 -1.20 12.47
N LEU A 58 6.18 -1.98 13.20
CA LEU A 58 4.97 -1.48 13.85
C LEU A 58 5.32 -0.46 14.92
N LYS A 59 6.43 -0.69 15.62
CA LYS A 59 6.89 0.26 16.62
C LYS A 59 7.33 1.57 15.98
N LYS A 60 7.97 1.48 14.82
CA LYS A 60 8.52 2.66 14.17
C LYS A 60 7.47 3.42 13.35
N LEU A 61 6.53 2.69 12.74
CA LEU A 61 5.54 3.32 11.87
C LEU A 61 4.14 3.32 12.49
N GLY A 62 4.01 2.80 13.69
CA GLY A 62 2.69 2.67 14.32
C GLY A 62 1.98 4.00 14.50
N ASP A 63 2.74 5.06 14.76
CA ASP A 63 2.17 6.39 14.97
C ASP A 63 2.03 7.14 13.65
N LYS A 64 2.48 6.53 12.56
CA LYS A 64 2.45 7.19 11.26
C LYS A 64 1.46 6.49 10.31
N TYR A 65 1.35 5.17 10.47
CA TYR A 65 0.45 4.36 9.64
C TYR A 65 -0.23 3.33 10.53
N ASP A 66 -1.44 2.94 10.20
CA ASP A 66 -2.13 1.92 10.97
C ASP A 66 -1.57 0.54 10.62
N GLU A 67 -1.56 -0.31 11.64
CA GLU A 67 -0.96 -1.63 11.56
C GLU A 67 -1.55 -2.47 10.43
N GLU A 68 -2.83 -2.27 10.13
CA GLU A 68 -3.47 -2.96 9.03
C GLU A 68 -2.85 -2.54 7.71
N THR A 69 -2.69 -1.24 7.56
CA THR A 69 -2.08 -0.67 6.36
C THR A 69 -0.63 -1.16 6.24
N ILE A 70 0.06 -1.20 7.38
CA ILE A 70 1.44 -1.68 7.42
C ILE A 70 1.49 -3.15 7.00
N ASP A 71 0.55 -3.94 7.51
CA ASP A 71 0.47 -5.35 7.16
C ASP A 71 0.28 -5.53 5.66
N ASP A 72 -0.65 -4.77 5.08
CA ASP A 72 -0.90 -4.84 3.65
C ASP A 72 0.30 -4.36 2.86
N ALA A 73 0.99 -3.35 3.39
CA ALA A 73 2.20 -2.85 2.76
C ALA A 73 3.26 -3.95 2.69
N ILE A 74 3.46 -4.61 3.82
CA ILE A 74 4.42 -5.70 3.91
C ILE A 74 4.01 -6.85 2.99
N THR A 75 2.73 -7.20 3.05
CA THR A 75 2.20 -8.29 2.25
C THR A 75 2.34 -7.99 0.75
N GLU A 76 2.10 -6.74 0.37
CA GLU A 76 2.22 -6.34 -1.02
C GLU A 76 3.68 -6.36 -1.46
N LEU A 77 4.57 -5.87 -0.61
CA LEU A 77 6.00 -5.92 -0.88
C LEU A 77 6.47 -7.37 -1.01
N LEU A 78 5.89 -8.23 -0.18
CA LEU A 78 6.19 -9.65 -0.22
C LEU A 78 5.73 -10.25 -1.53
N ALA A 79 4.51 -9.90 -1.92
CA ALA A 79 3.92 -10.40 -3.15
C ALA A 79 4.70 -9.94 -4.38
N GLN A 80 5.20 -8.71 -4.33
CA GLN A 80 5.98 -8.17 -5.45
C GLN A 80 7.39 -8.76 -5.48
N GLY A 81 7.74 -9.49 -4.44
CA GLY A 81 9.05 -10.10 -4.37
C GLY A 81 10.14 -9.10 -4.02
N GLU A 82 9.74 -8.00 -3.39
CA GLU A 82 10.69 -6.98 -2.98
C GLU A 82 11.32 -7.35 -1.65
N ILE A 83 10.57 -8.09 -0.85
CA ILE A 83 11.05 -8.55 0.44
C ILE A 83 10.78 -10.04 0.59
N TYR A 84 11.43 -10.66 1.55
CA TYR A 84 11.21 -12.06 1.84
C TYR A 84 11.19 -12.28 3.35
N GLU A 85 10.62 -13.40 3.77
CA GLU A 85 10.53 -13.72 5.18
C GLU A 85 11.37 -14.96 5.50
N PRO A 86 12.62 -14.78 5.96
CA PRO A 86 13.48 -15.90 6.33
C PRO A 86 13.01 -16.59 7.61
N GLU A 87 12.30 -15.85 8.44
CA GLU A 87 11.73 -16.38 9.68
C GLU A 87 10.43 -15.65 9.94
N THR A 88 9.42 -16.37 10.40
CA THR A 88 8.09 -15.81 10.59
C THR A 88 8.15 -14.55 11.47
N GLY A 89 7.73 -13.43 10.89
CA GLY A 89 7.71 -12.18 11.61
C GLY A 89 8.93 -11.32 11.32
N TYR A 90 9.91 -11.89 10.65
CA TYR A 90 11.13 -11.17 10.29
C TYR A 90 11.23 -11.05 8.78
N TYR A 91 11.49 -9.85 8.29
CA TYR A 91 11.50 -9.63 6.85
C TYR A 91 12.84 -9.05 6.40
N LYS A 92 13.22 -9.39 5.17
CA LYS A 92 14.46 -8.95 4.59
C LYS A 92 14.23 -8.50 3.15
N LEU A 93 14.85 -7.40 2.77
CA LEU A 93 14.77 -6.91 1.42
C LEU A 93 15.56 -7.81 0.47
N LEU A 94 15.05 -8.01 -0.72
CA LEU A 94 15.74 -8.80 -1.72
C LEU A 94 16.56 -7.89 -2.62
N GLY A 1 -11.36 8.22 12.71
CA GLY A 1 -10.72 7.01 12.14
C GLY A 1 -11.27 5.74 12.75
N THR A 2 -10.62 4.62 12.48
CA THR A 2 -11.04 3.35 13.03
C THR A 2 -10.16 2.96 14.22
N GLY A 3 -8.87 2.78 13.95
CA GLY A 3 -7.94 2.45 15.01
C GLY A 3 -6.89 3.54 15.18
N GLY A 4 -5.73 3.16 15.68
CA GLY A 4 -4.66 4.12 15.87
C GLY A 4 -4.10 4.10 17.27
N ILE A 5 -2.80 4.32 17.40
CA ILE A 5 -2.16 4.33 18.70
C ILE A 5 -2.26 5.73 19.33
N MET A 6 -2.30 6.75 18.47
CA MET A 6 -2.41 8.12 18.93
C MET A 6 -3.85 8.60 18.83
N MET A 7 -4.36 8.64 17.59
CA MET A 7 -5.71 9.16 17.33
C MET A 7 -5.85 10.58 17.85
N GLU A 8 -5.24 11.51 17.12
CA GLU A 8 -5.24 12.91 17.52
C GLU A 8 -6.63 13.51 17.41
N GLU A 9 -7.16 13.98 18.53
CA GLU A 9 -8.44 14.63 18.55
C GLU A 9 -8.38 15.84 19.46
N ARG A 10 -9.01 16.93 19.05
CA ARG A 10 -9.03 18.14 19.84
C ARG A 10 -10.27 18.96 19.53
N SER A 11 -11.17 19.02 20.49
CA SER A 11 -12.40 19.79 20.35
C SER A 11 -12.09 21.29 20.39
N ILE A 12 -11.71 21.83 19.24
CA ILE A 12 -11.40 23.24 19.13
C ILE A 12 -12.66 24.08 19.24
N GLU A 13 -12.69 24.95 20.24
CA GLU A 13 -13.88 25.73 20.53
C GLU A 13 -13.90 27.01 19.69
N GLU A 14 -14.08 26.83 18.39
CA GLU A 14 -14.28 27.95 17.49
C GLU A 14 -15.78 28.16 17.28
N PRO A 15 -16.30 29.33 17.70
CA PRO A 15 -17.74 29.61 17.65
C PRO A 15 -18.28 29.73 16.23
N MET A 16 -18.57 28.59 15.62
CA MET A 16 -19.14 28.56 14.29
C MET A 16 -20.64 28.77 14.35
N GLU A 17 -21.04 30.03 14.25
CA GLU A 17 -22.43 30.42 14.43
C GLU A 17 -23.32 29.89 13.30
N GLU A 18 -22.85 30.04 12.07
CA GLU A 18 -23.63 29.62 10.91
C GLU A 18 -23.73 28.10 10.82
N LEU A 19 -22.76 27.42 11.45
CA LEU A 19 -22.70 25.95 11.47
C LEU A 19 -22.41 25.39 10.06
N LEU A 20 -22.09 24.10 10.00
CA LEU A 20 -21.82 23.45 8.72
C LEU A 20 -22.82 22.33 8.49
N GLU A 21 -23.36 22.26 7.29
CA GLU A 21 -24.29 21.21 6.92
C GLU A 21 -23.54 20.07 6.26
N GLU A 22 -22.60 20.41 5.39
CA GLU A 22 -21.77 19.43 4.73
C GLU A 22 -20.39 19.38 5.39
N GLU A 23 -19.56 18.45 4.96
CA GLU A 23 -18.21 18.34 5.48
C GLU A 23 -17.37 17.43 4.59
N ILE A 24 -16.11 17.80 4.40
CA ILE A 24 -15.19 16.95 3.68
C ILE A 24 -13.89 16.82 4.46
N PRO A 25 -13.57 15.61 4.90
CA PRO A 25 -12.37 15.35 5.70
C PRO A 25 -11.10 15.35 4.85
N GLU A 26 -9.96 15.55 5.52
CA GLU A 26 -8.68 15.56 4.84
C GLU A 26 -8.24 14.13 4.51
N GLU A 27 -8.97 13.50 3.59
CA GLU A 27 -8.69 12.13 3.18
C GLU A 27 -8.76 12.02 1.66
N LYS A 28 -7.61 12.13 1.01
CA LYS A 28 -7.54 12.01 -0.43
C LYS A 28 -6.38 11.10 -0.82
N GLU A 29 -6.60 9.81 -0.73
CA GLU A 29 -5.55 8.82 -0.97
C GLU A 29 -5.92 7.87 -2.10
N GLU A 30 -5.05 7.77 -3.09
CA GLU A 30 -5.15 6.74 -4.10
C GLU A 30 -4.13 5.66 -3.77
N ASN A 31 -4.22 5.18 -2.53
CA ASN A 31 -3.23 4.26 -1.96
C ASN A 31 -1.86 4.89 -1.94
N GLU A 32 -1.83 6.22 -1.93
CA GLU A 32 -0.59 6.98 -1.93
C GLU A 32 0.13 6.81 -0.59
N LEU A 33 -0.64 6.82 0.49
CA LEU A 33 -0.10 6.60 1.81
C LEU A 33 0.40 5.17 1.94
N LEU A 34 -0.30 4.25 1.29
CA LEU A 34 0.10 2.85 1.24
C LEU A 34 1.40 2.70 0.45
N GLU A 35 1.53 3.46 -0.63
CA GLU A 35 2.76 3.50 -1.40
C GLU A 35 3.90 4.03 -0.55
N LYS A 36 3.61 5.11 0.19
CA LYS A 36 4.57 5.71 1.08
C LYS A 36 4.97 4.72 2.17
N ALA A 37 4.01 3.94 2.63
CA ALA A 37 4.27 2.92 3.63
C ALA A 37 5.22 1.87 3.09
N LYS A 38 4.95 1.39 1.89
CA LYS A 38 5.82 0.42 1.24
C LYS A 38 7.23 0.99 1.08
N GLU A 39 7.29 2.23 0.63
CA GLU A 39 8.56 2.89 0.41
C GLU A 39 9.32 3.06 1.72
N ASP A 40 8.61 3.41 2.77
CA ASP A 40 9.24 3.65 4.06
C ASP A 40 9.75 2.34 4.65
N ILE A 41 8.97 1.28 4.47
CA ILE A 41 9.38 -0.06 4.91
C ILE A 41 10.66 -0.46 4.18
N LEU A 42 10.68 -0.23 2.87
CA LEU A 42 11.85 -0.53 2.06
C LEU A 42 13.04 0.30 2.49
N ASN A 43 12.78 1.56 2.86
CA ASN A 43 13.83 2.43 3.35
C ASN A 43 14.40 1.90 4.66
N ILE A 44 13.53 1.40 5.53
CA ILE A 44 13.95 0.82 6.80
C ILE A 44 14.84 -0.39 6.55
N LEU A 45 14.37 -1.28 5.69
CA LEU A 45 15.10 -2.49 5.35
C LEU A 45 16.44 -2.14 4.68
N ARG A 46 16.42 -1.13 3.81
CA ARG A 46 17.61 -0.71 3.09
C ARG A 46 18.59 -0.03 4.02
N GLN A 47 18.08 0.68 5.01
CA GLN A 47 18.92 1.42 5.94
C GLN A 47 19.64 0.47 6.89
N LYS A 48 18.94 -0.53 7.37
CA LYS A 48 19.51 -1.44 8.37
C LYS A 48 20.17 -2.67 7.72
N ARG A 49 19.82 -2.91 6.46
CA ARG A 49 20.40 -4.01 5.65
C ARG A 49 20.37 -5.35 6.38
N THR A 50 19.35 -5.58 7.18
CA THR A 50 19.25 -6.79 7.98
C THR A 50 17.79 -7.22 8.11
N ALA A 51 17.59 -8.41 8.67
CA ALA A 51 16.25 -8.91 8.91
C ALA A 51 15.56 -8.09 9.99
N ILE A 52 14.48 -7.42 9.62
CA ILE A 52 13.80 -6.52 10.53
C ILE A 52 12.53 -7.16 11.06
N SER A 53 12.37 -7.09 12.37
CA SER A 53 11.21 -7.65 13.05
C SER A 53 9.95 -6.82 12.76
N ARG A 54 8.84 -7.52 12.51
CA ARG A 54 7.55 -6.87 12.29
C ARG A 54 7.15 -6.03 13.51
N LYS A 55 7.53 -6.49 14.70
CA LYS A 55 7.27 -5.73 15.92
C LYS A 55 7.96 -4.38 15.86
N TYR A 56 9.17 -4.36 15.31
CA TYR A 56 9.94 -3.13 15.17
C TYR A 56 9.28 -2.21 14.15
N ILE A 57 8.77 -2.81 13.08
CA ILE A 57 8.10 -2.06 12.03
C ILE A 57 6.84 -1.39 12.59
N LEU A 58 6.10 -2.15 13.39
CA LEU A 58 4.91 -1.63 14.05
C LEU A 58 5.27 -0.56 15.06
N LYS A 59 6.38 -0.73 15.75
CA LYS A 59 6.83 0.24 16.74
C LYS A 59 7.26 1.54 16.08
N LYS A 60 7.89 1.45 14.90
CA LYS A 60 8.39 2.63 14.22
C LYS A 60 7.31 3.33 13.38
N LEU A 61 6.46 2.55 12.75
CA LEU A 61 5.47 3.12 11.82
C LEU A 61 4.09 3.26 12.46
N GLY A 62 3.92 2.69 13.65
CA GLY A 62 2.60 2.62 14.27
C GLY A 62 1.94 3.96 14.49
N ASP A 63 2.71 4.99 14.83
CA ASP A 63 2.15 6.29 15.15
C ASP A 63 1.74 7.05 13.90
N LYS A 64 2.25 6.62 12.75
CA LYS A 64 1.99 7.32 11.50
C LYS A 64 1.10 6.50 10.57
N TYR A 65 1.24 5.19 10.62
CA TYR A 65 0.50 4.30 9.73
C TYR A 65 -0.27 3.28 10.56
N ASP A 66 -1.47 2.93 10.11
CA ASP A 66 -2.28 1.96 10.83
C ASP A 66 -1.77 0.55 10.59
N GLU A 67 -2.00 -0.32 11.56
CA GLU A 67 -1.49 -1.69 11.51
C GLU A 67 -1.92 -2.39 10.21
N GLU A 68 -3.20 -2.28 9.89
CA GLU A 68 -3.76 -2.91 8.71
C GLU A 68 -3.03 -2.43 7.45
N THR A 69 -2.75 -1.13 7.41
CA THR A 69 -2.06 -0.53 6.29
C THR A 69 -0.65 -1.11 6.17
N ILE A 70 -0.02 -1.30 7.33
CA ILE A 70 1.31 -1.89 7.39
C ILE A 70 1.27 -3.33 6.90
N ASP A 71 0.25 -4.07 7.32
CA ASP A 71 0.05 -5.45 6.88
C ASP A 71 -0.09 -5.52 5.37
N ASP A 72 -0.91 -4.63 4.82
CA ASP A 72 -1.11 -4.58 3.37
C ASP A 72 0.19 -4.21 2.66
N ALA A 73 0.91 -3.25 3.22
CA ALA A 73 2.18 -2.82 2.65
C ALA A 73 3.17 -3.97 2.59
N ILE A 74 3.26 -4.70 3.71
CA ILE A 74 4.12 -5.86 3.79
C ILE A 74 3.69 -6.93 2.81
N THR A 75 2.39 -7.17 2.75
CA THR A 75 1.82 -8.16 1.84
C THR A 75 2.15 -7.82 0.39
N GLU A 76 2.01 -6.54 0.04
CA GLU A 76 2.31 -6.10 -1.32
C GLU A 76 3.78 -6.25 -1.63
N LEU A 77 4.63 -5.81 -0.71
CA LEU A 77 6.07 -5.93 -0.89
C LEU A 77 6.49 -7.40 -1.00
N LEU A 78 5.82 -8.24 -0.22
CA LEU A 78 6.07 -9.67 -0.25
C LEU A 78 5.66 -10.26 -1.60
N ALA A 79 4.51 -9.82 -2.09
CA ALA A 79 3.99 -10.27 -3.38
C ALA A 79 4.86 -9.77 -4.53
N GLN A 80 5.37 -8.56 -4.38
CA GLN A 80 6.22 -7.94 -5.39
C GLN A 80 7.59 -8.59 -5.43
N GLY A 81 7.85 -9.45 -4.45
CA GLY A 81 9.12 -10.15 -4.38
C GLY A 81 10.26 -9.23 -3.95
N GLU A 82 9.91 -8.14 -3.30
CA GLU A 82 10.90 -7.19 -2.83
C GLU A 82 11.48 -7.66 -1.50
N ILE A 83 10.66 -8.35 -0.73
CA ILE A 83 11.09 -8.84 0.57
C ILE A 83 10.69 -10.29 0.74
N TYR A 84 11.28 -10.92 1.73
CA TYR A 84 10.96 -12.29 2.10
C TYR A 84 11.12 -12.44 3.60
N GLU A 85 10.53 -13.50 4.15
CA GLU A 85 10.62 -13.76 5.57
C GLU A 85 11.44 -15.01 5.85
N PRO A 86 12.74 -14.85 6.14
CA PRO A 86 13.63 -15.98 6.46
C PRO A 86 13.32 -16.57 7.84
N GLU A 87 12.60 -15.79 8.64
CA GLU A 87 12.22 -16.19 9.97
C GLU A 87 10.87 -15.57 10.29
N THR A 88 10.04 -16.28 11.05
CA THR A 88 8.70 -15.82 11.35
C THR A 88 8.74 -14.49 12.10
N GLY A 89 8.17 -13.45 11.51
CA GLY A 89 8.17 -12.15 12.13
C GLY A 89 9.30 -11.27 11.66
N TYR A 90 10.23 -11.85 10.90
CA TYR A 90 11.38 -11.10 10.42
C TYR A 90 11.32 -10.98 8.89
N TYR A 91 11.64 -9.81 8.37
CA TYR A 91 11.60 -9.59 6.93
C TYR A 91 12.95 -9.11 6.41
N LYS A 92 13.30 -9.54 5.20
CA LYS A 92 14.59 -9.24 4.61
C LYS A 92 14.43 -8.99 3.12
N LEU A 93 15.24 -8.09 2.59
CA LEU A 93 15.21 -7.75 1.17
C LEU A 93 15.68 -8.94 0.33
N LEU A 94 14.99 -9.21 -0.76
CA LEU A 94 15.39 -10.25 -1.68
C LEU A 94 16.46 -9.75 -2.65
N GLY A 1 1.80 15.49 12.43
CA GLY A 1 1.90 16.54 13.48
C GLY A 1 2.31 17.88 12.91
N THR A 2 1.34 18.62 12.38
CA THR A 2 1.62 19.92 11.78
C THR A 2 1.50 21.03 12.82
N GLY A 3 1.16 20.65 14.04
CA GLY A 3 1.00 21.63 15.10
C GLY A 3 -0.45 21.75 15.52
N GLY A 4 -1.05 22.90 15.28
CA GLY A 4 -2.45 23.08 15.61
C GLY A 4 -2.88 24.53 15.52
N ILE A 5 -2.38 25.24 14.51
CA ILE A 5 -2.71 26.66 14.29
C ILE A 5 -2.12 27.54 15.39
N MET A 6 -2.69 27.46 16.59
CA MET A 6 -2.20 28.24 17.72
C MET A 6 -2.10 27.37 18.97
N MET A 7 -2.66 26.17 18.90
CA MET A 7 -2.64 25.25 20.04
C MET A 7 -2.84 23.81 19.58
N GLU A 8 -2.04 22.90 20.11
CA GLU A 8 -2.12 21.51 19.71
C GLU A 8 -3.09 20.74 20.61
N GLU A 9 -4.34 20.68 20.17
CA GLU A 9 -5.36 19.91 20.87
C GLU A 9 -5.28 18.45 20.47
N ARG A 10 -6.24 17.64 20.91
CA ARG A 10 -6.25 16.23 20.56
C ARG A 10 -6.66 16.04 19.11
N SER A 11 -7.71 16.75 18.71
CA SER A 11 -8.19 16.69 17.34
C SER A 11 -7.71 17.89 16.56
N ILE A 12 -6.58 17.76 15.88
CA ILE A 12 -6.08 18.82 15.03
C ILE A 12 -6.89 18.87 13.75
N GLU A 13 -7.67 19.92 13.61
CA GLU A 13 -8.58 20.07 12.49
C GLU A 13 -7.85 20.54 11.23
N GLU A 14 -7.14 19.62 10.60
CA GLU A 14 -6.45 19.91 9.35
C GLU A 14 -7.46 19.92 8.21
N PRO A 15 -7.26 20.82 7.22
CA PRO A 15 -8.15 20.94 6.06
C PRO A 15 -8.01 19.78 5.08
N MET A 16 -8.22 18.57 5.58
CA MET A 16 -8.16 17.37 4.78
C MET A 16 -8.81 16.23 5.56
N GLU A 17 -10.08 16.43 5.90
CA GLU A 17 -10.82 15.47 6.71
C GLU A 17 -11.03 14.17 5.94
N GLU A 18 -10.78 13.05 6.59
CA GLU A 18 -11.03 11.75 5.98
C GLU A 18 -12.47 11.33 6.25
N LEU A 19 -13.30 11.37 5.20
CA LEU A 19 -14.70 11.02 5.32
C LEU A 19 -14.90 9.52 5.21
N LEU A 20 -14.21 8.77 6.07
CA LEU A 20 -14.31 7.32 6.08
C LEU A 20 -15.51 6.89 6.92
N GLU A 21 -16.60 6.61 6.24
CA GLU A 21 -17.80 6.10 6.90
C GLU A 21 -18.44 5.01 6.04
N GLU A 22 -17.58 4.33 5.30
CA GLU A 22 -18.01 3.27 4.39
C GLU A 22 -17.09 2.07 4.58
N GLU A 23 -17.58 1.05 5.26
CA GLU A 23 -16.75 -0.09 5.62
C GLU A 23 -16.57 -1.06 4.45
N ILE A 24 -16.02 -0.54 3.36
CA ILE A 24 -15.74 -1.33 2.19
C ILE A 24 -14.37 -0.91 1.62
N PRO A 25 -13.52 -1.88 1.25
CA PRO A 25 -12.25 -1.59 0.59
C PRO A 25 -12.43 -1.23 -0.88
N GLU A 26 -13.35 -0.30 -1.13
CA GLU A 26 -13.63 0.15 -2.48
C GLU A 26 -12.88 1.44 -2.77
N GLU A 27 -12.47 2.13 -1.71
CA GLU A 27 -11.63 3.30 -1.84
C GLU A 27 -10.19 2.88 -2.08
N LYS A 28 -9.82 2.77 -3.34
CA LYS A 28 -8.50 2.32 -3.70
C LYS A 28 -7.89 3.27 -4.73
N GLU A 29 -7.83 4.53 -4.35
CA GLU A 29 -7.34 5.57 -5.23
C GLU A 29 -6.15 6.29 -4.61
N GLU A 30 -6.22 6.48 -3.29
CA GLU A 30 -5.15 7.14 -2.57
C GLU A 30 -4.03 6.15 -2.26
N ASN A 31 -3.50 5.56 -3.32
CA ASN A 31 -2.49 4.52 -3.20
C ASN A 31 -1.15 5.08 -2.78
N GLU A 32 -1.05 6.41 -2.73
CA GLU A 32 0.16 7.07 -2.25
C GLU A 32 0.43 6.66 -0.81
N LEU A 33 -0.64 6.44 -0.05
CA LEU A 33 -0.53 6.04 1.34
C LEU A 33 0.18 4.70 1.45
N LEU A 34 -0.28 3.74 0.65
CA LEU A 34 0.28 2.41 0.67
C LEU A 34 1.69 2.40 0.07
N GLU A 35 1.88 3.17 -0.99
CA GLU A 35 3.18 3.25 -1.63
C GLU A 35 4.21 3.83 -0.69
N LYS A 36 3.85 4.92 -0.02
CA LYS A 36 4.74 5.59 0.90
C LYS A 36 5.02 4.71 2.12
N ALA A 37 4.01 3.98 2.56
CA ALA A 37 4.20 3.02 3.64
C ALA A 37 5.22 1.96 3.24
N LYS A 38 5.05 1.44 2.02
CA LYS A 38 5.96 0.42 1.51
C LYS A 38 7.37 0.98 1.37
N GLU A 39 7.47 2.19 0.86
CA GLU A 39 8.77 2.84 0.69
C GLU A 39 9.43 3.06 2.03
N ASP A 40 8.64 3.40 3.04
CA ASP A 40 9.19 3.63 4.38
C ASP A 40 9.71 2.31 4.95
N ILE A 41 8.94 1.24 4.76
CA ILE A 41 9.36 -0.08 5.20
C ILE A 41 10.66 -0.48 4.51
N LEU A 42 10.72 -0.25 3.21
CA LEU A 42 11.91 -0.55 2.44
C LEU A 42 13.07 0.31 2.91
N ASN A 43 12.79 1.56 3.25
CA ASN A 43 13.81 2.47 3.76
C ASN A 43 14.40 1.92 5.05
N ILE A 44 13.52 1.39 5.92
CA ILE A 44 13.94 0.80 7.18
C ILE A 44 14.82 -0.42 6.94
N LEU A 45 14.34 -1.33 6.09
CA LEU A 45 15.05 -2.56 5.81
C LEU A 45 16.39 -2.26 5.15
N ARG A 46 16.39 -1.25 4.29
CA ARG A 46 17.59 -0.84 3.57
C ARG A 46 18.58 -0.17 4.51
N GLN A 47 18.06 0.63 5.44
CA GLN A 47 18.89 1.41 6.36
C GLN A 47 19.65 0.51 7.33
N LYS A 48 19.00 -0.55 7.78
CA LYS A 48 19.62 -1.47 8.73
C LYS A 48 20.26 -2.66 8.02
N ARG A 49 19.92 -2.79 6.73
CA ARG A 49 20.51 -3.80 5.83
C ARG A 49 20.45 -5.21 6.41
N THR A 50 19.40 -5.49 7.16
CA THR A 50 19.24 -6.79 7.81
C THR A 50 17.77 -7.16 7.91
N ALA A 51 17.50 -8.39 8.34
CA ALA A 51 16.15 -8.86 8.53
C ALA A 51 15.55 -8.25 9.79
N ILE A 52 14.49 -7.48 9.61
CA ILE A 52 13.89 -6.75 10.70
C ILE A 52 12.55 -7.37 11.08
N SER A 53 12.30 -7.46 12.38
CA SER A 53 11.05 -8.02 12.86
C SER A 53 9.89 -7.07 12.55
N ARG A 54 8.77 -7.68 12.13
CA ARG A 54 7.56 -6.94 11.79
C ARG A 54 7.14 -6.01 12.91
N LYS A 55 7.29 -6.46 14.15
CA LYS A 55 6.91 -5.67 15.32
C LYS A 55 7.65 -4.34 15.36
N TYR A 56 8.88 -4.33 14.88
CA TYR A 56 9.68 -3.10 14.86
C TYR A 56 9.16 -2.16 13.78
N ILE A 57 8.73 -2.74 12.67
CA ILE A 57 8.15 -1.96 11.59
C ILE A 57 6.81 -1.38 12.03
N LEU A 58 6.02 -2.21 12.69
CA LEU A 58 4.73 -1.79 13.25
C LEU A 58 4.93 -0.70 14.28
N LYS A 59 5.99 -0.83 15.07
CA LYS A 59 6.28 0.16 16.10
C LYS A 59 6.78 1.47 15.50
N LYS A 60 7.65 1.37 14.49
CA LYS A 60 8.24 2.56 13.89
C LYS A 60 7.20 3.37 13.13
N LEU A 61 6.31 2.68 12.43
CA LEU A 61 5.26 3.34 11.67
C LEU A 61 3.96 3.36 12.44
N GLY A 62 4.01 2.99 13.71
CA GLY A 62 2.82 2.86 14.52
C GLY A 62 2.04 4.16 14.67
N ASP A 63 2.75 5.27 14.74
CA ASP A 63 2.11 6.57 14.95
C ASP A 63 1.90 7.29 13.63
N LYS A 64 2.33 6.68 12.54
CA LYS A 64 2.21 7.31 11.23
C LYS A 64 1.25 6.53 10.32
N TYR A 65 1.16 5.22 10.55
CA TYR A 65 0.30 4.36 9.75
C TYR A 65 -0.42 3.37 10.66
N ASP A 66 -1.62 2.99 10.27
CA ASP A 66 -2.35 1.95 10.99
C ASP A 66 -1.71 0.60 10.72
N GLU A 67 -1.78 -0.27 11.70
CA GLU A 67 -1.17 -1.60 11.61
C GLU A 67 -1.75 -2.39 10.46
N GLU A 68 -3.02 -2.17 10.18
CA GLU A 68 -3.67 -2.75 9.01
C GLU A 68 -2.95 -2.32 7.73
N THR A 69 -2.69 -1.03 7.64
CA THR A 69 -2.03 -0.45 6.48
C THR A 69 -0.61 -0.97 6.36
N ILE A 70 0.07 -1.08 7.49
CA ILE A 70 1.44 -1.59 7.53
C ILE A 70 1.46 -3.05 7.10
N ASP A 71 0.50 -3.81 7.61
CA ASP A 71 0.37 -5.22 7.27
C ASP A 71 0.15 -5.39 5.76
N ASP A 72 -0.76 -4.61 5.21
CA ASP A 72 -1.05 -4.68 3.78
C ASP A 72 0.14 -4.21 2.95
N ALA A 73 0.88 -3.25 3.48
CA ALA A 73 2.12 -2.81 2.84
C ALA A 73 3.12 -3.94 2.78
N ILE A 74 3.25 -4.65 3.89
CA ILE A 74 4.13 -5.80 3.97
C ILE A 74 3.66 -6.91 3.04
N THR A 75 2.35 -7.15 3.02
CA THR A 75 1.76 -8.14 2.14
C THR A 75 2.06 -7.81 0.67
N GLU A 76 1.91 -6.54 0.32
CA GLU A 76 2.19 -6.09 -1.03
C GLU A 76 3.65 -6.32 -1.37
N LEU A 77 4.54 -5.88 -0.48
CA LEU A 77 5.97 -6.03 -0.69
C LEU A 77 6.36 -7.50 -0.79
N LEU A 78 5.71 -8.34 0.00
CA LEU A 78 5.98 -9.76 -0.01
C LEU A 78 5.51 -10.40 -1.31
N ALA A 79 4.30 -10.02 -1.72
CA ALA A 79 3.69 -10.55 -2.93
C ALA A 79 4.42 -10.11 -4.19
N GLN A 80 4.91 -8.89 -4.18
CA GLN A 80 5.60 -8.34 -5.34
C GLN A 80 7.04 -8.83 -5.41
N GLY A 81 7.45 -9.59 -4.41
CA GLY A 81 8.79 -10.14 -4.39
C GLY A 81 9.84 -9.12 -4.00
N GLU A 82 9.41 -8.06 -3.33
CA GLU A 82 10.33 -7.02 -2.89
C GLU A 82 11.05 -7.45 -1.63
N ILE A 83 10.36 -8.20 -0.78
CA ILE A 83 10.92 -8.64 0.48
C ILE A 83 10.73 -10.14 0.65
N TYR A 84 11.49 -10.72 1.56
CA TYR A 84 11.41 -12.14 1.87
C TYR A 84 11.63 -12.35 3.36
N GLU A 85 11.19 -13.49 3.87
CA GLU A 85 11.38 -13.82 5.28
C GLU A 85 12.46 -14.88 5.45
N PRO A 86 13.68 -14.49 5.87
CA PRO A 86 14.70 -15.46 6.24
C PRO A 86 14.36 -16.13 7.57
N GLU A 87 13.47 -15.48 8.31
CA GLU A 87 12.94 -15.97 9.56
C GLU A 87 11.48 -15.52 9.67
N THR A 88 10.62 -16.38 10.19
CA THR A 88 9.22 -16.03 10.34
C THR A 88 9.08 -14.82 11.25
N GLY A 89 8.54 -13.74 10.70
CA GLY A 89 8.38 -12.53 11.48
C GLY A 89 9.51 -11.55 11.23
N TYR A 90 10.52 -11.97 10.49
CA TYR A 90 11.63 -11.11 10.11
C TYR A 90 11.60 -10.90 8.61
N TYR A 91 11.68 -9.66 8.17
CA TYR A 91 11.57 -9.36 6.76
C TYR A 91 12.84 -8.69 6.24
N LYS A 92 13.22 -9.01 5.01
CA LYS A 92 14.41 -8.49 4.40
C LYS A 92 14.17 -8.23 2.92
N LEU A 93 14.44 -7.01 2.47
CA LEU A 93 14.32 -6.68 1.07
C LEU A 93 15.39 -7.40 0.25
N LEU A 94 15.00 -7.89 -0.91
CA LEU A 94 15.89 -8.61 -1.78
C LEU A 94 16.73 -7.64 -2.60
N GLY A 1 5.55 -9.67 -11.10
CA GLY A 1 4.12 -9.26 -11.12
C GLY A 1 3.34 -10.04 -12.15
N THR A 2 2.13 -9.60 -12.44
CA THR A 2 1.28 -10.28 -13.41
C THR A 2 1.59 -9.83 -14.83
N GLY A 3 2.03 -10.76 -15.66
CA GLY A 3 2.29 -10.46 -17.06
C GLY A 3 3.76 -10.36 -17.36
N GLY A 4 4.41 -11.52 -17.50
CA GLY A 4 5.82 -11.55 -17.85
C GLY A 4 6.71 -11.01 -16.75
N ILE A 5 7.82 -10.39 -17.14
CA ILE A 5 8.72 -9.78 -16.17
C ILE A 5 8.21 -8.39 -15.79
N MET A 6 7.68 -7.68 -16.78
CA MET A 6 7.17 -6.33 -16.58
C MET A 6 6.39 -5.89 -17.81
N MET A 7 5.21 -5.32 -17.59
CA MET A 7 4.41 -4.78 -18.68
C MET A 7 4.67 -3.28 -18.82
N GLU A 8 5.07 -2.65 -17.72
CA GLU A 8 5.34 -1.22 -17.72
C GLU A 8 6.71 -0.91 -18.31
N GLU A 9 6.96 -1.43 -19.50
CA GLU A 9 8.19 -1.16 -20.22
C GLU A 9 7.98 0.00 -21.18
N ARG A 10 6.71 0.36 -21.35
CA ARG A 10 6.33 1.46 -22.22
C ARG A 10 5.54 2.50 -21.44
N SER A 11 5.61 3.75 -21.87
CA SER A 11 4.91 4.83 -21.21
C SER A 11 4.07 5.60 -22.22
N ILE A 12 3.00 4.97 -22.68
CA ILE A 12 2.11 5.57 -23.66
C ILE A 12 1.10 6.46 -22.96
N GLU A 13 0.41 5.88 -21.99
CA GLU A 13 -0.52 6.61 -21.11
C GLU A 13 -1.54 7.43 -21.91
N GLU A 14 -2.53 6.76 -22.46
CA GLU A 14 -3.63 7.44 -23.13
C GLU A 14 -4.87 7.41 -22.25
N PRO A 15 -5.13 8.50 -21.52
CA PRO A 15 -6.30 8.60 -20.65
C PRO A 15 -7.59 8.79 -21.44
N MET A 16 -8.21 7.68 -21.82
CA MET A 16 -9.46 7.71 -22.57
C MET A 16 -10.63 8.01 -21.64
N GLU A 17 -11.79 8.27 -22.21
CA GLU A 17 -12.97 8.53 -21.40
C GLU A 17 -13.50 7.24 -20.78
N GLU A 18 -12.92 6.88 -19.64
CA GLU A 18 -13.30 5.67 -18.93
C GLU A 18 -14.54 5.95 -18.08
N LEU A 19 -15.67 6.02 -18.75
CA LEU A 19 -16.93 6.36 -18.12
C LEU A 19 -17.38 5.26 -17.16
N LEU A 20 -17.80 5.65 -15.97
CA LEU A 20 -18.28 4.71 -14.98
C LEU A 20 -19.76 4.44 -15.21
N GLU A 21 -20.06 3.76 -16.30
CA GLU A 21 -21.43 3.47 -16.68
C GLU A 21 -21.94 2.25 -15.92
N GLU A 22 -21.40 1.10 -16.27
CA GLU A 22 -21.76 -0.16 -15.61
C GLU A 22 -20.56 -1.08 -15.52
N GLU A 23 -19.48 -0.54 -14.98
CA GLU A 23 -18.26 -1.31 -14.80
C GLU A 23 -17.51 -0.77 -13.58
N ILE A 24 -17.73 -1.41 -12.44
CA ILE A 24 -17.05 -1.01 -11.21
C ILE A 24 -15.61 -1.49 -11.25
N PRO A 25 -14.65 -0.57 -11.22
CA PRO A 25 -13.22 -0.91 -11.33
C PRO A 25 -12.70 -1.60 -10.06
N GLU A 26 -13.56 -1.65 -9.06
CA GLU A 26 -13.24 -2.28 -7.77
C GLU A 26 -12.03 -1.61 -7.14
N GLU A 27 -12.18 -0.33 -6.85
CA GLU A 27 -11.12 0.46 -6.21
C GLU A 27 -9.90 0.55 -7.11
N LYS A 28 -10.09 1.15 -8.28
CA LYS A 28 -8.99 1.35 -9.22
C LYS A 28 -8.38 2.72 -8.98
N GLU A 29 -7.65 2.81 -7.88
CA GLU A 29 -6.99 4.04 -7.51
C GLU A 29 -5.57 3.74 -7.08
N GLU A 30 -4.63 4.58 -7.48
CA GLU A 30 -3.24 4.38 -7.10
C GLU A 30 -3.07 4.79 -5.63
N ASN A 31 -2.93 3.78 -4.78
CA ASN A 31 -2.86 4.01 -3.35
C ASN A 31 -1.49 4.56 -2.95
N GLU A 32 -1.39 5.88 -2.97
CA GLU A 32 -0.16 6.57 -2.61
C GLU A 32 0.23 6.26 -1.18
N LEU A 33 -0.76 6.14 -0.31
CA LEU A 33 -0.52 5.84 1.09
C LEU A 33 0.19 4.50 1.24
N LEU A 34 -0.28 3.51 0.48
CA LEU A 34 0.31 2.18 0.49
C LEU A 34 1.70 2.20 -0.12
N GLU A 35 1.86 2.93 -1.22
CA GLU A 35 3.17 3.06 -1.86
C GLU A 35 4.16 3.71 -0.90
N LYS A 36 3.67 4.68 -0.15
CA LYS A 36 4.50 5.40 0.82
C LYS A 36 4.83 4.49 1.99
N ALA A 37 3.87 3.69 2.42
CA ALA A 37 4.10 2.75 3.51
C ALA A 37 5.13 1.71 3.10
N LYS A 38 5.01 1.22 1.88
CA LYS A 38 5.93 0.21 1.38
C LYS A 38 7.33 0.79 1.24
N GLU A 39 7.41 2.00 0.70
CA GLU A 39 8.70 2.66 0.53
C GLU A 39 9.32 2.97 1.89
N ASP A 40 8.48 3.34 2.85
CA ASP A 40 8.97 3.66 4.18
C ASP A 40 9.52 2.39 4.84
N ILE A 41 8.83 1.28 4.63
CA ILE A 41 9.30 -0.02 5.12
C ILE A 41 10.61 -0.39 4.46
N LEU A 42 10.71 -0.17 3.15
CA LEU A 42 11.94 -0.44 2.42
C LEU A 42 13.07 0.42 2.96
N ASN A 43 12.74 1.66 3.32
CA ASN A 43 13.72 2.55 3.94
C ASN A 43 14.19 1.99 5.27
N ILE A 44 13.26 1.42 6.04
CA ILE A 44 13.60 0.80 7.32
C ILE A 44 14.53 -0.38 7.11
N LEU A 45 14.16 -1.24 6.16
CA LEU A 45 14.91 -2.44 5.86
C LEU A 45 16.30 -2.08 5.32
N ARG A 46 16.34 -1.06 4.48
CA ARG A 46 17.59 -0.63 3.84
C ARG A 46 18.52 0.02 4.86
N GLN A 47 17.93 0.72 5.82
CA GLN A 47 18.70 1.46 6.81
C GLN A 47 19.60 0.53 7.63
N LYS A 48 19.09 -0.65 7.95
CA LYS A 48 19.85 -1.60 8.76
C LYS A 48 20.41 -2.74 7.90
N ARG A 49 20.00 -2.76 6.63
CA ARG A 49 20.49 -3.73 5.63
C ARG A 49 20.37 -5.18 6.12
N THR A 50 19.35 -5.47 6.91
CA THR A 50 19.20 -6.77 7.52
C THR A 50 17.72 -7.15 7.65
N ALA A 51 17.46 -8.40 8.03
CA ALA A 51 16.10 -8.87 8.25
C ALA A 51 15.55 -8.27 9.53
N ILE A 52 14.52 -7.46 9.39
CA ILE A 52 13.94 -6.74 10.51
C ILE A 52 12.63 -7.37 10.94
N SER A 53 12.44 -7.46 12.24
CA SER A 53 11.22 -8.01 12.81
C SER A 53 10.05 -7.07 12.54
N ARG A 54 8.93 -7.65 12.14
CA ARG A 54 7.72 -6.91 11.82
C ARG A 54 7.22 -6.14 13.04
N LYS A 55 7.48 -6.69 14.23
CA LYS A 55 7.10 -6.02 15.47
C LYS A 55 7.80 -4.67 15.59
N TYR A 56 9.07 -4.62 15.21
CA TYR A 56 9.83 -3.37 15.23
C TYR A 56 9.24 -2.40 14.22
N ILE A 57 8.83 -2.92 13.07
CA ILE A 57 8.24 -2.10 12.02
C ILE A 57 6.90 -1.53 12.48
N LEU A 58 6.09 -2.37 13.11
CA LEU A 58 4.79 -1.96 13.62
C LEU A 58 4.94 -0.92 14.72
N LYS A 59 5.96 -1.08 15.56
CA LYS A 59 6.21 -0.15 16.65
C LYS A 59 6.76 1.18 16.12
N LYS A 60 7.60 1.12 15.09
CA LYS A 60 8.24 2.33 14.57
C LYS A 60 7.30 3.12 13.68
N LEU A 61 6.49 2.43 12.88
CA LEU A 61 5.59 3.11 11.95
C LEU A 61 4.23 3.37 12.56
N GLY A 62 4.07 3.00 13.82
CA GLY A 62 2.79 3.15 14.49
C GLY A 62 2.27 4.58 14.50
N ASP A 63 3.18 5.55 14.51
CA ASP A 63 2.79 6.95 14.58
C ASP A 63 2.54 7.54 13.19
N LYS A 64 2.89 6.79 12.15
CA LYS A 64 2.77 7.30 10.79
C LYS A 64 1.73 6.51 9.98
N TYR A 65 1.63 5.23 10.26
CA TYR A 65 0.73 4.36 9.51
C TYR A 65 -0.01 3.44 10.47
N ASP A 66 -1.24 3.09 10.13
CA ASP A 66 -2.01 2.16 10.97
C ASP A 66 -1.61 0.73 10.65
N GLU A 67 -1.97 -0.19 11.53
CA GLU A 67 -1.57 -1.59 11.37
C GLU A 67 -2.03 -2.15 10.03
N GLU A 68 -3.22 -1.75 9.62
CA GLU A 68 -3.76 -2.15 8.32
C GLU A 68 -2.82 -1.76 7.20
N THR A 69 -2.38 -0.52 7.23
CA THR A 69 -1.52 0.02 6.20
C THR A 69 -0.17 -0.69 6.19
N ILE A 70 0.36 -0.92 7.39
CA ILE A 70 1.66 -1.54 7.54
C ILE A 70 1.61 -3.01 7.10
N ASP A 71 0.60 -3.71 7.57
CA ASP A 71 0.45 -5.14 7.27
C ASP A 71 0.20 -5.35 5.79
N ASP A 72 -0.65 -4.51 5.21
CA ASP A 72 -0.93 -4.58 3.79
C ASP A 72 0.28 -4.20 2.97
N ALA A 73 1.06 -3.25 3.48
CA ALA A 73 2.30 -2.86 2.83
C ALA A 73 3.28 -4.02 2.81
N ILE A 74 3.40 -4.70 3.94
CA ILE A 74 4.29 -5.84 4.04
C ILE A 74 3.84 -6.99 3.15
N THR A 75 2.56 -7.30 3.22
CA THR A 75 1.99 -8.36 2.39
C THR A 75 2.16 -8.04 0.91
N GLU A 76 1.95 -6.77 0.56
CA GLU A 76 2.11 -6.32 -0.81
C GLU A 76 3.55 -6.45 -1.26
N LEU A 77 4.48 -5.98 -0.42
CA LEU A 77 5.90 -6.06 -0.71
C LEU A 77 6.33 -7.52 -0.87
N LEU A 78 5.75 -8.40 -0.06
CA LEU A 78 6.05 -9.82 -0.12
C LEU A 78 5.56 -10.41 -1.44
N ALA A 79 4.34 -10.03 -1.81
CA ALA A 79 3.75 -10.50 -3.06
C ALA A 79 4.44 -9.90 -4.28
N GLN A 80 5.00 -8.71 -4.12
CA GLN A 80 5.73 -8.06 -5.19
C GLN A 80 7.16 -8.60 -5.29
N GLY A 81 7.55 -9.39 -4.30
CA GLY A 81 8.90 -9.96 -4.29
C GLY A 81 9.96 -8.93 -3.96
N GLU A 82 9.54 -7.83 -3.36
CA GLU A 82 10.45 -6.75 -3.01
C GLU A 82 11.10 -7.06 -1.66
N ILE A 83 10.42 -7.87 -0.86
CA ILE A 83 10.94 -8.32 0.41
C ILE A 83 10.71 -9.81 0.56
N TYR A 84 11.38 -10.42 1.51
CA TYR A 84 11.18 -11.83 1.80
C TYR A 84 11.38 -12.07 3.29
N GLU A 85 10.78 -13.15 3.78
CA GLU A 85 10.91 -13.52 5.18
C GLU A 85 11.84 -14.73 5.33
N PRO A 86 13.12 -14.49 5.68
CA PRO A 86 14.08 -15.57 5.94
C PRO A 86 13.81 -16.23 7.28
N GLU A 87 13.07 -15.52 8.12
CA GLU A 87 12.67 -16.00 9.42
C GLU A 87 11.27 -15.51 9.72
N THR A 88 10.49 -16.31 10.42
CA THR A 88 9.11 -15.95 10.70
C THR A 88 9.06 -14.71 11.58
N GLY A 89 8.46 -13.66 11.04
CA GLY A 89 8.37 -12.41 11.76
C GLY A 89 9.46 -11.42 11.34
N TYR A 90 10.45 -11.90 10.58
CA TYR A 90 11.54 -11.06 10.13
C TYR A 90 11.51 -10.91 8.61
N TYR A 91 11.65 -9.69 8.13
CA TYR A 91 11.60 -9.45 6.69
C TYR A 91 12.87 -8.76 6.20
N LYS A 92 13.28 -9.12 5.00
CA LYS A 92 14.50 -8.62 4.40
C LYS A 92 14.22 -8.11 3.00
N LEU A 93 14.80 -6.97 2.65
CA LEU A 93 14.61 -6.40 1.34
C LEU A 93 15.43 -7.17 0.30
N LEU A 94 14.80 -7.42 -0.84
CA LEU A 94 15.47 -8.09 -1.94
C LEU A 94 15.85 -7.08 -3.00
N GLY A 1 25.00 22.20 -35.79
CA GLY A 1 24.96 23.35 -36.73
C GLY A 1 26.03 23.25 -37.78
N THR A 2 25.67 22.72 -38.94
CA THR A 2 26.61 22.57 -40.04
C THR A 2 26.49 23.73 -41.03
N GLY A 3 25.26 24.13 -41.31
CA GLY A 3 25.03 25.23 -42.23
C GLY A 3 23.65 25.17 -42.87
N GLY A 4 23.21 26.28 -43.41
CA GLY A 4 21.92 26.35 -44.06
C GLY A 4 21.59 27.75 -44.50
N ILE A 5 20.52 27.90 -45.25
CA ILE A 5 20.10 29.21 -45.73
C ILE A 5 18.93 29.73 -44.89
N MET A 6 17.80 29.06 -44.98
CA MET A 6 16.61 29.47 -44.24
C MET A 6 16.30 28.45 -43.14
N MET A 7 16.21 28.94 -41.91
CA MET A 7 15.93 28.08 -40.78
C MET A 7 14.52 28.33 -40.26
N GLU A 8 13.67 27.31 -40.34
CA GLU A 8 12.32 27.42 -39.84
C GLU A 8 12.28 27.06 -38.36
N GLU A 9 13.44 27.06 -37.73
CA GLU A 9 13.58 26.75 -36.31
C GLU A 9 14.15 27.96 -35.58
N ARG A 10 13.69 29.14 -35.95
CA ARG A 10 14.17 30.39 -35.36
C ARG A 10 13.17 30.95 -34.36
N SER A 11 12.42 30.07 -33.72
CA SER A 11 11.45 30.49 -32.73
C SER A 11 11.49 29.54 -31.53
N ILE A 12 12.69 29.29 -31.03
CA ILE A 12 12.86 28.42 -29.88
C ILE A 12 12.51 29.16 -28.60
N GLU A 13 11.24 29.13 -28.26
CA GLU A 13 10.72 29.84 -27.10
C GLU A 13 10.87 29.01 -25.83
N GLU A 14 10.76 27.70 -25.97
CA GLU A 14 10.91 26.80 -24.83
C GLU A 14 12.38 26.47 -24.59
N PRO A 15 12.96 26.98 -23.48
CA PRO A 15 14.36 26.75 -23.16
C PRO A 15 14.60 25.40 -22.48
N MET A 16 13.51 24.79 -21.99
CA MET A 16 13.61 23.51 -21.31
C MET A 16 12.56 22.55 -21.86
N GLU A 17 12.73 21.27 -21.58
CA GLU A 17 11.78 20.26 -21.99
C GLU A 17 11.24 19.54 -20.75
N GLU A 18 10.13 20.03 -20.23
CA GLU A 18 9.54 19.48 -19.02
C GLU A 18 8.50 18.43 -19.38
N LEU A 19 7.56 18.80 -20.23
CA LEU A 19 6.48 17.90 -20.67
C LEU A 19 5.76 17.29 -19.47
N LEU A 20 5.02 18.12 -18.76
CA LEU A 20 4.26 17.68 -17.59
C LEU A 20 2.83 17.37 -17.99
N GLU A 21 2.44 16.12 -17.85
CA GLU A 21 1.09 15.69 -18.20
C GLU A 21 0.17 15.73 -16.98
N GLU A 22 -1.12 15.89 -17.24
CA GLU A 22 -2.13 15.86 -16.20
C GLU A 22 -2.55 14.42 -15.93
N GLU A 23 -2.31 13.95 -14.71
CA GLU A 23 -2.68 12.61 -14.34
C GLU A 23 -4.15 12.55 -13.95
N ILE A 24 -4.97 12.07 -14.86
CA ILE A 24 -6.40 11.96 -14.62
C ILE A 24 -6.70 10.71 -13.78
N PRO A 25 -7.44 10.88 -12.67
CA PRO A 25 -7.84 9.74 -11.82
C PRO A 25 -8.87 8.85 -12.51
N GLU A 26 -8.49 8.32 -13.67
CA GLU A 26 -9.34 7.39 -14.40
C GLU A 26 -9.42 6.07 -13.63
N GLU A 27 -8.25 5.59 -13.23
CA GLU A 27 -8.17 4.42 -12.37
C GLU A 27 -8.47 4.83 -10.94
N LYS A 28 -9.67 4.51 -10.47
CA LYS A 28 -10.10 4.91 -9.14
C LYS A 28 -9.55 3.97 -8.10
N GLU A 29 -8.23 3.92 -8.05
CA GLU A 29 -7.52 3.08 -7.10
C GLU A 29 -6.21 3.77 -6.72
N GLU A 30 -6.32 4.83 -5.95
CA GLU A 30 -5.16 5.60 -5.53
C GLU A 30 -4.33 4.81 -4.54
N ASN A 31 -3.23 4.24 -5.01
CA ASN A 31 -2.38 3.42 -4.18
C ASN A 31 -1.13 4.18 -3.78
N GLU A 32 -1.19 5.50 -3.85
CA GLU A 32 -0.05 6.35 -3.56
C GLU A 32 0.30 6.32 -2.08
N LEU A 33 -0.71 6.25 -1.23
CA LEU A 33 -0.49 6.22 0.22
C LEU A 33 0.17 4.90 0.59
N LEU A 34 -0.34 3.82 0.00
CA LEU A 34 0.22 2.50 0.22
C LEU A 34 1.63 2.41 -0.36
N GLU A 35 1.84 3.10 -1.48
CA GLU A 35 3.15 3.17 -2.11
C GLU A 35 4.13 3.87 -1.17
N LYS A 36 3.68 4.95 -0.55
CA LYS A 36 4.49 5.68 0.40
C LYS A 36 4.79 4.82 1.61
N ALA A 37 3.80 4.04 2.03
CA ALA A 37 3.97 3.11 3.14
C ALA A 37 5.00 2.05 2.82
N LYS A 38 4.89 1.46 1.63
CA LYS A 38 5.82 0.45 1.18
C LYS A 38 7.21 1.03 1.09
N GLU A 39 7.28 2.24 0.56
CA GLU A 39 8.54 2.96 0.42
C GLU A 39 9.15 3.22 1.79
N ASP A 40 8.32 3.59 2.75
CA ASP A 40 8.81 3.92 4.09
C ASP A 40 9.28 2.66 4.81
N ILE A 41 8.61 1.54 4.54
CA ILE A 41 9.04 0.26 5.07
C ILE A 41 10.38 -0.13 4.47
N LEU A 42 10.50 0.09 3.16
CA LEU A 42 11.75 -0.17 2.46
C LEU A 42 12.86 0.72 3.00
N ASN A 43 12.50 1.94 3.37
CA ASN A 43 13.45 2.85 4.00
C ASN A 43 13.97 2.24 5.30
N ILE A 44 13.06 1.65 6.08
CA ILE A 44 13.44 1.03 7.34
C ILE A 44 14.35 -0.17 7.10
N LEU A 45 13.92 -1.05 6.21
CA LEU A 45 14.68 -2.27 5.91
C LEU A 45 16.05 -1.93 5.34
N ARG A 46 16.08 -0.92 4.47
CA ARG A 46 17.32 -0.48 3.84
C ARG A 46 18.23 0.23 4.84
N GLN A 47 17.63 0.96 5.77
CA GLN A 47 18.39 1.72 6.75
C GLN A 47 19.06 0.78 7.76
N LYS A 48 18.36 -0.28 8.13
CA LYS A 48 18.89 -1.24 9.10
C LYS A 48 19.78 -2.29 8.43
N ARG A 49 19.63 -2.40 7.11
CA ARG A 49 20.38 -3.37 6.30
C ARG A 49 20.34 -4.79 6.88
N THR A 50 19.24 -5.14 7.54
CA THR A 50 19.12 -6.43 8.19
C THR A 50 17.68 -6.89 8.21
N ALA A 51 17.45 -8.13 8.62
CA ALA A 51 16.11 -8.66 8.76
C ALA A 51 15.43 -8.08 9.99
N ILE A 52 14.28 -7.47 9.79
CA ILE A 52 13.58 -6.78 10.86
C ILE A 52 12.27 -7.48 11.17
N SER A 53 12.04 -7.72 12.46
CA SER A 53 10.81 -8.35 12.92
C SER A 53 9.63 -7.42 12.71
N ARG A 54 8.48 -7.99 12.34
CA ARG A 54 7.26 -7.22 12.13
C ARG A 54 6.89 -6.42 13.38
N LYS A 55 7.16 -6.99 14.54
CA LYS A 55 6.89 -6.31 15.80
C LYS A 55 7.63 -4.98 15.87
N TYR A 56 8.91 -5.00 15.48
CA TYR A 56 9.72 -3.79 15.51
C TYR A 56 9.23 -2.81 14.44
N ILE A 57 8.81 -3.34 13.30
CA ILE A 57 8.30 -2.51 12.23
C ILE A 57 7.02 -1.81 12.66
N LEU A 58 6.13 -2.55 13.31
CA LEU A 58 4.87 -2.01 13.79
C LEU A 58 5.11 -0.99 14.89
N LYS A 59 6.08 -1.27 15.75
CA LYS A 59 6.40 -0.37 16.84
C LYS A 59 7.08 0.91 16.34
N LYS A 60 7.90 0.77 15.31
CA LYS A 60 8.66 1.91 14.79
C LYS A 60 7.80 2.76 13.84
N LEU A 61 7.07 2.09 12.96
CA LEU A 61 6.34 2.78 11.91
C LEU A 61 4.91 3.07 12.32
N GLY A 62 4.54 2.65 13.52
CA GLY A 62 3.19 2.87 14.02
C GLY A 62 2.82 4.34 14.14
N ASP A 63 3.83 5.18 14.30
CA ASP A 63 3.61 6.62 14.40
C ASP A 63 3.45 7.24 13.01
N LYS A 64 3.73 6.46 11.98
CA LYS A 64 3.69 6.95 10.61
C LYS A 64 2.53 6.32 9.84
N TYR A 65 2.25 5.06 10.11
CA TYR A 65 1.15 4.35 9.47
C TYR A 65 0.47 3.43 10.47
N ASP A 66 -0.82 3.17 10.27
CA ASP A 66 -1.54 2.25 11.15
C ASP A 66 -1.13 0.81 10.86
N GLU A 67 -1.26 -0.06 11.83
CA GLU A 67 -0.81 -1.45 11.70
C GLU A 67 -1.43 -2.11 10.47
N GLU A 68 -2.71 -1.85 10.25
CA GLU A 68 -3.43 -2.41 9.11
C GLU A 68 -2.79 -1.99 7.79
N THR A 69 -2.47 -0.70 7.70
CA THR A 69 -1.83 -0.15 6.51
C THR A 69 -0.46 -0.78 6.31
N ILE A 70 0.26 -0.95 7.41
CA ILE A 70 1.58 -1.54 7.39
C ILE A 70 1.49 -3.00 6.94
N ASP A 71 0.49 -3.70 7.46
CA ASP A 71 0.27 -5.10 7.12
C ASP A 71 -0.02 -5.25 5.63
N ASP A 72 -0.86 -4.37 5.09
CA ASP A 72 -1.16 -4.38 3.67
C ASP A 72 0.08 -4.05 2.85
N ALA A 73 0.86 -3.08 3.33
CA ALA A 73 2.09 -2.70 2.67
C ALA A 73 3.07 -3.86 2.64
N ILE A 74 3.19 -4.55 3.77
CA ILE A 74 4.06 -5.71 3.87
C ILE A 74 3.58 -6.83 2.96
N THR A 75 2.28 -7.08 2.98
CA THR A 75 1.70 -8.12 2.14
C THR A 75 1.92 -7.80 0.67
N GLU A 76 1.76 -6.53 0.31
CA GLU A 76 1.95 -6.08 -1.07
C GLU A 76 3.41 -6.28 -1.48
N LEU A 77 4.33 -5.85 -0.64
CA LEU A 77 5.75 -6.00 -0.90
C LEU A 77 6.15 -7.46 -0.97
N LEU A 78 5.53 -8.28 -0.12
CA LEU A 78 5.81 -9.70 -0.07
C LEU A 78 5.31 -10.38 -1.34
N ALA A 79 4.10 -10.02 -1.74
CA ALA A 79 3.50 -10.59 -2.94
C ALA A 79 4.26 -10.18 -4.19
N GLN A 80 4.71 -8.93 -4.23
CA GLN A 80 5.44 -8.41 -5.37
C GLN A 80 6.88 -8.93 -5.39
N GLY A 81 7.29 -9.54 -4.28
CA GLY A 81 8.61 -10.12 -4.21
C GLY A 81 9.69 -9.10 -3.90
N GLU A 82 9.31 -8.01 -3.27
CA GLU A 82 10.25 -6.95 -2.92
C GLU A 82 10.90 -7.25 -1.58
N ILE A 83 10.23 -8.04 -0.76
CA ILE A 83 10.75 -8.43 0.53
C ILE A 83 10.60 -9.93 0.72
N TYR A 84 11.39 -10.49 1.62
CA TYR A 84 11.38 -11.91 1.88
C TYR A 84 11.73 -12.16 3.35
N GLU A 85 11.14 -13.20 3.94
CA GLU A 85 11.44 -13.57 5.31
C GLU A 85 12.55 -14.62 5.36
N PRO A 86 13.73 -14.26 5.90
CA PRO A 86 14.82 -15.21 6.11
C PRO A 86 14.49 -16.10 7.30
N GLU A 87 13.64 -15.57 8.16
CA GLU A 87 13.11 -16.31 9.29
C GLU A 87 11.72 -15.79 9.54
N THR A 88 10.80 -16.68 9.87
CA THR A 88 9.40 -16.31 10.06
C THR A 88 9.26 -15.23 11.12
N GLY A 89 8.65 -14.11 10.72
CA GLY A 89 8.49 -12.99 11.62
C GLY A 89 9.53 -11.90 11.38
N TYR A 90 10.52 -12.21 10.56
CA TYR A 90 11.56 -11.24 10.21
C TYR A 90 11.54 -10.98 8.71
N TYR A 91 11.54 -9.72 8.31
CA TYR A 91 11.46 -9.38 6.90
C TYR A 91 12.74 -8.71 6.43
N LYS A 92 13.11 -8.99 5.19
CA LYS A 92 14.32 -8.46 4.59
C LYS A 92 14.03 -8.01 3.16
N LEU A 93 14.60 -6.90 2.77
CA LEU A 93 14.40 -6.37 1.43
C LEU A 93 15.27 -7.13 0.43
N LEU A 94 14.71 -7.45 -0.71
CA LEU A 94 15.44 -8.14 -1.75
C LEU A 94 16.02 -7.13 -2.73
N GLY A 1 -32.76 7.12 -37.23
CA GLY A 1 -33.47 6.01 -37.91
C GLY A 1 -34.80 5.71 -37.26
N THR A 2 -35.31 4.51 -37.45
CA THR A 2 -36.58 4.12 -36.90
C THR A 2 -36.42 2.98 -35.90
N GLY A 3 -35.96 3.32 -34.70
CA GLY A 3 -35.78 2.33 -33.66
C GLY A 3 -36.91 2.37 -32.65
N GLY A 4 -37.50 1.21 -32.39
CA GLY A 4 -38.57 1.14 -31.43
C GLY A 4 -38.30 0.14 -30.33
N ILE A 5 -38.28 0.61 -29.09
CA ILE A 5 -38.05 -0.25 -27.94
C ILE A 5 -39.37 -0.76 -27.39
N MET A 6 -39.58 -2.06 -27.53
CA MET A 6 -40.82 -2.68 -27.07
C MET A 6 -40.51 -3.96 -26.30
N MET A 7 -41.19 -4.13 -25.18
CA MET A 7 -41.04 -5.34 -24.38
C MET A 7 -42.40 -5.99 -24.17
N GLU A 8 -42.83 -6.76 -25.15
CA GLU A 8 -44.10 -7.45 -25.09
C GLU A 8 -43.93 -8.95 -25.25
N GLU A 9 -42.85 -9.34 -25.91
CA GLU A 9 -42.55 -10.75 -26.13
C GLU A 9 -41.90 -11.34 -24.89
N ARG A 10 -42.57 -12.33 -24.29
CA ARG A 10 -42.10 -12.98 -23.08
C ARG A 10 -41.92 -11.99 -21.95
N SER A 11 -42.91 -11.12 -21.78
CA SER A 11 -42.89 -10.13 -20.74
C SER A 11 -43.42 -10.72 -19.44
N ILE A 12 -42.50 -11.08 -18.55
CA ILE A 12 -42.87 -11.70 -17.28
C ILE A 12 -42.66 -10.72 -16.15
N GLU A 13 -41.52 -10.07 -16.15
CA GLU A 13 -41.17 -9.10 -15.14
C GLU A 13 -39.99 -8.27 -15.63
N GLU A 14 -38.84 -8.94 -15.74
CA GLU A 14 -37.61 -8.33 -16.28
C GLU A 14 -37.26 -7.03 -15.59
N PRO A 15 -36.54 -7.10 -14.46
CA PRO A 15 -36.13 -5.92 -13.70
C PRO A 15 -35.07 -5.12 -14.45
N MET A 16 -35.51 -4.31 -15.40
CA MET A 16 -34.59 -3.52 -16.22
C MET A 16 -34.92 -2.04 -16.09
N GLU A 17 -35.54 -1.67 -14.97
CA GLU A 17 -35.89 -0.28 -14.72
C GLU A 17 -34.68 0.46 -14.18
N GLU A 18 -33.70 0.69 -15.04
CA GLU A 18 -32.50 1.43 -14.67
C GLU A 18 -32.52 2.80 -15.33
N LEU A 19 -33.68 3.43 -15.32
CA LEU A 19 -33.87 4.70 -15.99
C LEU A 19 -33.48 5.85 -15.07
N LEU A 20 -33.59 5.63 -13.77
CA LEU A 20 -33.28 6.65 -12.79
C LEU A 20 -32.36 6.07 -11.72
N GLU A 21 -31.46 6.91 -11.22
CA GLU A 21 -30.45 6.51 -10.23
C GLU A 21 -29.74 5.23 -10.65
N GLU A 22 -29.12 5.29 -11.82
CA GLU A 22 -28.38 4.17 -12.37
C GLU A 22 -27.16 3.87 -11.52
N GLU A 23 -26.68 4.90 -10.82
CA GLU A 23 -25.50 4.82 -9.96
C GLU A 23 -24.22 4.66 -10.80
N ILE A 24 -23.31 5.61 -10.64
CA ILE A 24 -22.07 5.60 -11.40
C ILE A 24 -20.91 5.09 -10.56
N PRO A 25 -20.26 4.00 -10.99
CA PRO A 25 -19.07 3.46 -10.33
C PRO A 25 -17.85 4.34 -10.61
N GLU A 26 -17.67 5.36 -9.78
CA GLU A 26 -16.57 6.30 -9.98
C GLU A 26 -15.24 5.68 -9.58
N GLU A 27 -15.28 4.83 -8.54
CA GLU A 27 -14.09 4.13 -8.07
C GLU A 27 -12.90 5.06 -7.90
N LYS A 28 -12.96 5.88 -6.87
CA LYS A 28 -11.91 6.85 -6.59
C LYS A 28 -10.92 6.29 -5.58
N GLU A 29 -10.08 5.39 -6.04
CA GLU A 29 -9.09 4.77 -5.17
C GLU A 29 -7.89 5.70 -4.96
N GLU A 30 -7.16 5.46 -3.89
CA GLU A 30 -5.98 6.25 -3.56
C GLU A 30 -4.96 5.38 -2.84
N ASN A 31 -3.90 5.02 -3.55
CA ASN A 31 -2.92 4.08 -3.01
C ASN A 31 -1.64 4.80 -2.58
N GLU A 32 -1.72 6.12 -2.47
CA GLU A 32 -0.54 6.91 -2.10
C GLU A 32 -0.10 6.61 -0.67
N LEU A 33 -1.06 6.37 0.21
CA LEU A 33 -0.77 6.03 1.60
C LEU A 33 0.01 4.72 1.64
N LEU A 34 -0.48 3.76 0.89
CA LEU A 34 0.17 2.47 0.79
C LEU A 34 1.56 2.60 0.20
N GLU A 35 1.70 3.43 -0.82
CA GLU A 35 2.99 3.67 -1.46
C GLU A 35 3.98 4.25 -0.46
N LYS A 36 3.50 5.20 0.34
CA LYS A 36 4.35 5.84 1.34
C LYS A 36 4.74 4.84 2.42
N ALA A 37 3.80 3.97 2.77
CA ALA A 37 4.05 2.92 3.77
C ALA A 37 5.09 1.93 3.24
N LYS A 38 4.90 1.52 1.99
CA LYS A 38 5.82 0.58 1.34
C LYS A 38 7.21 1.20 1.25
N GLU A 39 7.23 2.46 0.85
CA GLU A 39 8.48 3.21 0.72
C GLU A 39 9.17 3.31 2.07
N ASP A 40 8.40 3.62 3.11
CA ASP A 40 8.97 3.80 4.44
C ASP A 40 9.54 2.48 4.95
N ILE A 41 8.81 1.39 4.72
CA ILE A 41 9.27 0.05 5.11
C ILE A 41 10.57 -0.28 4.38
N LEU A 42 10.60 0.01 3.08
CA LEU A 42 11.80 -0.24 2.29
C LEU A 42 12.96 0.58 2.81
N ASN A 43 12.68 1.81 3.23
CA ASN A 43 13.71 2.65 3.85
C ASN A 43 14.21 2.04 5.15
N ILE A 44 13.31 1.44 5.91
CA ILE A 44 13.69 0.79 7.18
C ILE A 44 14.63 -0.37 6.89
N LEU A 45 14.25 -1.20 5.94
CA LEU A 45 15.05 -2.35 5.55
C LEU A 45 16.36 -1.92 4.91
N ARG A 46 16.32 -0.82 4.18
CA ARG A 46 17.48 -0.27 3.49
C ARG A 46 18.49 0.30 4.49
N GLN A 47 17.97 0.90 5.56
CA GLN A 47 18.79 1.56 6.55
C GLN A 47 19.71 0.56 7.27
N LYS A 48 19.17 -0.60 7.61
CA LYS A 48 19.93 -1.56 8.39
C LYS A 48 20.41 -2.74 7.55
N ARG A 49 19.92 -2.80 6.31
CA ARG A 49 20.32 -3.84 5.33
C ARG A 49 20.21 -5.26 5.90
N THR A 50 19.24 -5.47 6.78
CA THR A 50 19.08 -6.76 7.45
C THR A 50 17.62 -7.06 7.69
N ALA A 51 17.34 -8.26 8.16
CA ALA A 51 15.98 -8.67 8.47
C ALA A 51 15.46 -7.98 9.72
N ILE A 52 14.35 -7.28 9.58
CA ILE A 52 13.76 -6.51 10.66
C ILE A 52 12.45 -7.16 11.09
N SER A 53 12.25 -7.23 12.40
CA SER A 53 11.04 -7.84 12.95
C SER A 53 9.82 -6.97 12.67
N ARG A 54 8.70 -7.62 12.35
CA ARG A 54 7.43 -6.93 12.15
C ARG A 54 7.04 -6.17 13.40
N LYS A 55 7.44 -6.69 14.55
CA LYS A 55 7.18 -6.03 15.82
C LYS A 55 7.91 -4.68 15.87
N TYR A 56 9.12 -4.66 15.32
CA TYR A 56 9.89 -3.43 15.23
C TYR A 56 9.31 -2.50 14.18
N ILE A 57 8.81 -3.06 13.09
CA ILE A 57 8.16 -2.28 12.05
C ILE A 57 6.93 -1.59 12.62
N LEU A 58 6.15 -2.32 13.41
CA LEU A 58 4.99 -1.77 14.09
C LEU A 58 5.41 -0.74 15.13
N LYS A 59 6.53 -0.99 15.79
CA LYS A 59 7.08 -0.04 16.75
C LYS A 59 7.54 1.24 16.05
N LYS A 60 8.01 1.10 14.81
CA LYS A 60 8.53 2.22 14.06
C LYS A 60 7.42 3.04 13.40
N LEU A 61 6.44 2.35 12.81
CA LEU A 61 5.43 3.03 12.01
C LEU A 61 4.05 3.02 12.63
N GLY A 62 3.94 2.52 13.86
CA GLY A 62 2.64 2.42 14.52
C GLY A 62 1.96 3.76 14.71
N ASP A 63 2.75 4.81 14.87
CA ASP A 63 2.20 6.14 15.12
C ASP A 63 1.98 6.89 13.79
N LYS A 64 2.44 6.31 12.69
CA LYS A 64 2.32 6.97 11.39
C LYS A 64 1.31 6.24 10.50
N TYR A 65 1.23 4.93 10.65
CA TYR A 65 0.33 4.12 9.84
C TYR A 65 -0.40 3.12 10.72
N ASP A 66 -1.62 2.79 10.35
CA ASP A 66 -2.38 1.78 11.08
C ASP A 66 -1.90 0.38 10.70
N GLU A 67 -2.15 -0.59 11.58
CA GLU A 67 -1.67 -1.95 11.37
C GLU A 67 -2.12 -2.50 10.03
N GLU A 68 -3.35 -2.21 9.65
CA GLU A 68 -3.92 -2.68 8.40
C GLU A 68 -3.09 -2.20 7.22
N THR A 69 -2.77 -0.92 7.23
CA THR A 69 -1.98 -0.32 6.16
C THR A 69 -0.57 -0.91 6.14
N ILE A 70 0.00 -1.10 7.33
CA ILE A 70 1.33 -1.68 7.45
C ILE A 70 1.35 -3.11 6.93
N ASP A 71 0.33 -3.87 7.32
CA ASP A 71 0.24 -5.27 6.92
C ASP A 71 0.00 -5.38 5.42
N ASP A 72 -0.81 -4.47 4.87
CA ASP A 72 -1.05 -4.43 3.44
C ASP A 72 0.23 -4.05 2.70
N ALA A 73 0.98 -3.12 3.27
CA ALA A 73 2.24 -2.70 2.70
C ALA A 73 3.22 -3.86 2.65
N ILE A 74 3.31 -4.58 3.75
CA ILE A 74 4.19 -5.74 3.84
C ILE A 74 3.73 -6.83 2.88
N THR A 75 2.44 -7.11 2.87
CA THR A 75 1.86 -8.10 1.98
C THR A 75 2.10 -7.73 0.52
N GLU A 76 1.97 -6.45 0.20
CA GLU A 76 2.21 -5.96 -1.15
C GLU A 76 3.68 -6.13 -1.52
N LEU A 77 4.56 -5.73 -0.62
CA LEU A 77 6.00 -5.85 -0.85
C LEU A 77 6.40 -7.32 -0.99
N LEU A 78 5.76 -8.17 -0.20
CA LEU A 78 6.00 -9.60 -0.25
C LEU A 78 5.55 -10.14 -1.60
N ALA A 79 4.37 -9.72 -2.02
CA ALA A 79 3.79 -10.15 -3.29
C ALA A 79 4.60 -9.65 -4.48
N GLN A 80 5.18 -8.46 -4.34
CA GLN A 80 6.00 -7.89 -5.40
C GLN A 80 7.36 -8.59 -5.47
N GLY A 81 7.66 -9.39 -4.45
CA GLY A 81 8.93 -10.08 -4.40
C GLY A 81 10.06 -9.19 -3.97
N GLU A 82 9.71 -8.08 -3.30
CA GLU A 82 10.70 -7.14 -2.82
C GLU A 82 11.32 -7.61 -1.53
N ILE A 83 10.51 -8.27 -0.71
CA ILE A 83 10.95 -8.72 0.60
C ILE A 83 10.62 -10.19 0.79
N TYR A 84 11.31 -10.80 1.74
CA TYR A 84 11.07 -12.18 2.11
C TYR A 84 11.21 -12.29 3.63
N GLU A 85 10.69 -13.36 4.21
CA GLU A 85 10.81 -13.56 5.64
C GLU A 85 11.75 -14.74 5.94
N PRO A 86 13.06 -14.46 6.10
CA PRO A 86 14.07 -15.49 6.35
C PRO A 86 13.98 -16.08 7.75
N GLU A 87 13.29 -15.37 8.63
CA GLU A 87 13.09 -15.80 10.00
C GLU A 87 11.69 -15.39 10.43
N THR A 88 11.06 -16.19 11.26
CA THR A 88 9.68 -15.97 11.65
C THR A 88 9.50 -14.59 12.29
N GLY A 89 8.69 -13.76 11.67
CA GLY A 89 8.42 -12.44 12.19
C GLY A 89 9.36 -11.38 11.64
N TYR A 90 10.37 -11.81 10.89
CA TYR A 90 11.37 -10.89 10.37
C TYR A 90 11.26 -10.77 8.85
N TYR A 91 11.45 -9.57 8.34
CA TYR A 91 11.37 -9.33 6.90
C TYR A 91 12.68 -8.77 6.38
N LYS A 92 13.04 -9.17 5.18
CA LYS A 92 14.32 -8.81 4.58
C LYS A 92 14.14 -8.53 3.09
N LEU A 93 14.60 -7.38 2.64
CA LEU A 93 14.58 -7.05 1.23
C LEU A 93 15.48 -8.02 0.47
N LEU A 94 14.98 -8.52 -0.66
CA LEU A 94 15.72 -9.48 -1.46
C LEU A 94 16.31 -8.81 -2.68
N GLY A 1 -28.51 24.20 -41.44
CA GLY A 1 -27.31 23.39 -41.76
C GLY A 1 -27.68 21.95 -42.09
N THR A 2 -26.68 21.16 -42.43
CA THR A 2 -26.90 19.76 -42.76
C THR A 2 -26.96 18.91 -41.49
N GLY A 3 -28.12 18.94 -40.85
CA GLY A 3 -28.32 18.19 -39.63
C GLY A 3 -29.67 18.46 -39.03
N GLY A 4 -29.96 17.84 -37.89
CA GLY A 4 -31.25 18.02 -37.26
C GLY A 4 -31.56 16.90 -36.29
N ILE A 5 -31.79 15.70 -36.82
CA ILE A 5 -32.03 14.54 -35.99
C ILE A 5 -30.68 13.97 -35.53
N MET A 6 -29.65 14.27 -36.30
CA MET A 6 -28.29 13.91 -35.95
C MET A 6 -27.41 15.15 -35.97
N MET A 7 -26.26 15.05 -35.31
CA MET A 7 -25.28 16.12 -35.31
C MET A 7 -23.88 15.54 -35.48
N GLU A 8 -23.18 15.99 -36.50
CA GLU A 8 -21.87 15.45 -36.83
C GLU A 8 -20.78 16.28 -36.16
N GLU A 9 -20.59 16.06 -34.87
CA GLU A 9 -19.57 16.77 -34.11
C GLU A 9 -18.20 16.25 -34.46
N ARG A 10 -17.24 17.16 -34.58
CA ARG A 10 -15.89 16.82 -34.98
C ARG A 10 -14.92 17.07 -33.83
N SER A 11 -13.87 16.27 -33.77
CA SER A 11 -12.86 16.34 -32.70
C SER A 11 -13.45 15.87 -31.37
N ILE A 12 -12.83 14.85 -30.78
CA ILE A 12 -13.30 14.31 -29.50
C ILE A 12 -13.14 15.36 -28.39
N GLU A 13 -14.03 15.29 -27.42
CA GLU A 13 -14.10 16.30 -26.36
C GLU A 13 -13.25 15.91 -25.16
N GLU A 14 -12.13 15.25 -25.44
CA GLU A 14 -11.23 14.77 -24.39
C GLU A 14 -9.89 14.38 -25.01
N PRO A 15 -8.81 14.39 -24.22
CA PRO A 15 -7.48 14.01 -24.69
C PRO A 15 -7.26 12.49 -24.67
N MET A 16 -8.28 11.74 -25.08
CA MET A 16 -8.24 10.28 -25.09
C MET A 16 -7.97 9.72 -23.70
N GLU A 17 -9.00 9.70 -22.86
CA GLU A 17 -8.84 9.21 -21.49
C GLU A 17 -9.25 7.74 -21.41
N GLU A 18 -8.26 6.87 -21.23
CA GLU A 18 -8.51 5.44 -21.16
C GLU A 18 -9.16 5.06 -19.84
N LEU A 19 -9.93 3.98 -19.85
CA LEU A 19 -10.56 3.48 -18.64
C LEU A 19 -9.66 2.43 -17.99
N LEU A 20 -8.36 2.71 -18.01
CA LEU A 20 -7.35 1.79 -17.48
C LEU A 20 -7.38 0.46 -18.22
N GLU A 21 -6.60 0.39 -19.29
CA GLU A 21 -6.55 -0.80 -20.12
C GLU A 21 -5.95 -1.98 -19.36
N GLU A 22 -5.00 -1.68 -18.50
CA GLU A 22 -4.40 -2.69 -17.65
C GLU A 22 -5.18 -2.79 -16.34
N GLU A 23 -5.72 -3.97 -16.09
CA GLU A 23 -6.50 -4.19 -14.88
C GLU A 23 -5.60 -4.71 -13.76
N ILE A 24 -5.50 -3.93 -12.69
CA ILE A 24 -4.71 -4.31 -11.54
C ILE A 24 -5.53 -5.16 -10.58
N PRO A 25 -5.12 -6.41 -10.35
CA PRO A 25 -5.79 -7.28 -9.38
C PRO A 25 -5.63 -6.74 -7.96
N GLU A 26 -6.73 -6.77 -7.21
CA GLU A 26 -6.75 -6.21 -5.85
C GLU A 26 -6.47 -4.72 -5.91
N GLU A 27 -7.23 -4.02 -6.74
CA GLU A 27 -7.05 -2.59 -6.92
C GLU A 27 -7.55 -1.83 -5.69
N LYS A 28 -6.82 -0.79 -5.32
CA LYS A 28 -7.18 0.03 -4.18
C LYS A 28 -6.99 1.50 -4.57
N GLU A 29 -8.10 2.20 -4.75
CA GLU A 29 -8.06 3.58 -5.24
C GLU A 29 -7.23 4.46 -4.32
N GLU A 30 -6.38 5.30 -4.92
CA GLU A 30 -5.52 6.22 -4.19
C GLU A 30 -4.69 5.47 -3.14
N ASN A 31 -3.60 4.89 -3.61
CA ASN A 31 -2.73 4.08 -2.74
C ASN A 31 -1.49 4.85 -2.34
N GLU A 32 -1.59 6.16 -2.22
CA GLU A 32 -0.45 6.99 -1.85
C GLU A 32 0.06 6.61 -0.46
N LEU A 33 -0.89 6.38 0.44
CA LEU A 33 -0.56 6.03 1.82
C LEU A 33 0.15 4.68 1.86
N LEU A 34 -0.39 3.72 1.14
CA LEU A 34 0.14 2.38 1.12
C LEU A 34 1.49 2.33 0.40
N GLU A 35 1.62 3.14 -0.64
CA GLU A 35 2.86 3.22 -1.41
C GLU A 35 3.94 3.83 -0.54
N LYS A 36 3.58 4.88 0.21
CA LYS A 36 4.51 5.53 1.10
C LYS A 36 4.89 4.60 2.24
N ALA A 37 3.93 3.81 2.71
CA ALA A 37 4.19 2.82 3.74
C ALA A 37 5.18 1.78 3.25
N LYS A 38 4.96 1.28 2.05
CA LYS A 38 5.85 0.30 1.45
C LYS A 38 7.24 0.88 1.27
N GLU A 39 7.28 2.12 0.79
CA GLU A 39 8.52 2.83 0.58
C GLU A 39 9.28 3.00 1.89
N ASP A 40 8.54 3.34 2.95
CA ASP A 40 9.15 3.57 4.25
C ASP A 40 9.67 2.27 4.84
N ILE A 41 8.91 1.19 4.66
CA ILE A 41 9.34 -0.13 5.10
C ILE A 41 10.64 -0.52 4.40
N LEU A 42 10.68 -0.28 3.09
CA LEU A 42 11.87 -0.54 2.31
C LEU A 42 13.03 0.28 2.82
N ASN A 43 12.76 1.52 3.20
CA ASN A 43 13.79 2.40 3.75
C ASN A 43 14.33 1.84 5.06
N ILE A 44 13.43 1.29 5.88
CA ILE A 44 13.82 0.71 7.16
C ILE A 44 14.72 -0.50 6.94
N LEU A 45 14.27 -1.40 6.06
CA LEU A 45 15.00 -2.63 5.79
C LEU A 45 16.32 -2.34 5.09
N ARG A 46 16.32 -1.35 4.20
CA ARG A 46 17.51 -0.99 3.44
C ARG A 46 18.54 -0.29 4.32
N GLN A 47 18.06 0.63 5.16
CA GLN A 47 18.94 1.42 6.01
C GLN A 47 19.68 0.56 7.03
N LYS A 48 18.97 -0.39 7.61
CA LYS A 48 19.57 -1.25 8.62
C LYS A 48 20.16 -2.50 7.96
N ARG A 49 19.73 -2.72 6.72
CA ARG A 49 20.24 -3.78 5.84
C ARG A 49 20.28 -5.15 6.53
N THR A 50 19.34 -5.40 7.42
CA THR A 50 19.29 -6.64 8.15
C THR A 50 17.85 -7.13 8.27
N ALA A 51 17.67 -8.36 8.74
CA ALA A 51 16.35 -8.92 8.93
C ALA A 51 15.67 -8.29 10.13
N ILE A 52 14.61 -7.55 9.87
CA ILE A 52 13.94 -6.80 10.91
C ILE A 52 12.59 -7.41 11.23
N SER A 53 12.28 -7.53 12.52
CA SER A 53 11.01 -8.08 12.95
C SER A 53 9.88 -7.08 12.65
N ARG A 54 8.77 -7.63 12.15
CA ARG A 54 7.60 -6.84 11.80
C ARG A 54 7.10 -6.02 12.99
N LYS A 55 7.35 -6.52 14.20
CA LYS A 55 6.94 -5.82 15.41
C LYS A 55 7.60 -4.45 15.50
N TYR A 56 8.86 -4.36 15.09
CA TYR A 56 9.58 -3.09 15.12
C TYR A 56 9.04 -2.15 14.05
N ILE A 57 8.66 -2.72 12.91
CA ILE A 57 8.08 -1.95 11.83
C ILE A 57 6.74 -1.37 12.28
N LEU A 58 5.95 -2.21 12.94
CA LEU A 58 4.67 -1.78 13.51
C LEU A 58 4.89 -0.73 14.59
N LYS A 59 5.96 -0.92 15.37
CA LYS A 59 6.28 -0.02 16.47
C LYS A 59 6.69 1.35 15.95
N LYS A 60 7.49 1.37 14.89
CA LYS A 60 8.02 2.62 14.36
C LYS A 60 7.01 3.32 13.46
N LEU A 61 6.22 2.55 12.73
CA LEU A 61 5.26 3.14 11.80
C LEU A 61 3.90 3.32 12.46
N GLY A 62 3.77 2.90 13.71
CA GLY A 62 2.51 2.99 14.42
C GLY A 62 2.03 4.43 14.61
N ASP A 63 2.94 5.38 14.48
CA ASP A 63 2.58 6.79 14.62
C ASP A 63 2.13 7.39 13.30
N LYS A 64 2.43 6.72 12.20
CA LYS A 64 2.11 7.26 10.88
C LYS A 64 1.10 6.38 10.14
N TYR A 65 1.16 5.08 10.38
CA TYR A 65 0.30 4.13 9.69
C TYR A 65 -0.33 3.21 10.71
N ASP A 66 -1.52 2.70 10.40
CA ASP A 66 -2.18 1.78 11.30
C ASP A 66 -1.72 0.35 11.05
N GLU A 67 -1.76 -0.50 12.08
CA GLU A 67 -1.16 -1.82 12.01
C GLU A 67 -1.65 -2.63 10.82
N GLU A 68 -2.95 -2.62 10.58
CA GLU A 68 -3.52 -3.34 9.44
C GLU A 68 -2.96 -2.84 8.12
N THR A 69 -2.82 -1.52 8.01
CA THR A 69 -2.27 -0.91 6.81
C THR A 69 -0.82 -1.34 6.62
N ILE A 70 -0.09 -1.40 7.73
CA ILE A 70 1.30 -1.82 7.70
C ILE A 70 1.40 -3.28 7.25
N ASP A 71 0.51 -4.11 7.77
CA ASP A 71 0.45 -5.51 7.39
C ASP A 71 0.15 -5.66 5.90
N ASP A 72 -0.76 -4.82 5.41
CA ASP A 72 -1.09 -4.80 3.99
C ASP A 72 0.14 -4.38 3.18
N ALA A 73 0.86 -3.38 3.68
CA ALA A 73 2.07 -2.90 3.02
C ALA A 73 3.10 -4.00 2.91
N ILE A 74 3.29 -4.72 4.01
CA ILE A 74 4.21 -5.84 4.05
C ILE A 74 3.77 -6.92 3.07
N THR A 75 2.49 -7.22 3.07
CA THR A 75 1.93 -8.21 2.18
C THR A 75 2.14 -7.82 0.71
N GLU A 76 1.95 -6.53 0.41
CA GLU A 76 2.16 -6.03 -0.94
C GLU A 76 3.62 -6.17 -1.34
N LEU A 77 4.52 -5.72 -0.47
CA LEU A 77 5.95 -5.81 -0.72
C LEU A 77 6.39 -7.26 -0.91
N LEU A 78 5.79 -8.15 -0.12
CA LEU A 78 6.10 -9.57 -0.18
C LEU A 78 5.62 -10.16 -1.51
N ALA A 79 4.43 -9.75 -1.92
CA ALA A 79 3.85 -10.23 -3.17
C ALA A 79 4.59 -9.66 -4.38
N GLN A 80 5.08 -8.43 -4.25
CA GLN A 80 5.81 -7.78 -5.34
C GLN A 80 7.22 -8.31 -5.45
N GLY A 81 7.62 -9.12 -4.48
CA GLY A 81 8.96 -9.68 -4.48
C GLY A 81 10.02 -8.66 -4.09
N GLU A 82 9.59 -7.63 -3.36
CA GLU A 82 10.50 -6.59 -2.92
C GLU A 82 11.19 -7.00 -1.62
N ILE A 83 10.48 -7.80 -0.83
CA ILE A 83 11.01 -8.27 0.44
C ILE A 83 10.72 -9.76 0.60
N TYR A 84 11.38 -10.37 1.55
CA TYR A 84 11.12 -11.76 1.89
C TYR A 84 11.34 -11.96 3.38
N GLU A 85 10.76 -13.01 3.94
CA GLU A 85 10.95 -13.31 5.35
C GLU A 85 11.75 -14.60 5.53
N PRO A 86 13.08 -14.48 5.72
CA PRO A 86 13.95 -15.65 5.93
C PRO A 86 13.69 -16.32 7.27
N GLU A 87 13.04 -15.58 8.16
CA GLU A 87 12.64 -16.10 9.45
C GLU A 87 11.28 -15.53 9.80
N THR A 88 10.44 -16.33 10.42
CA THR A 88 9.07 -15.92 10.71
C THR A 88 9.06 -14.66 11.58
N GLY A 89 8.48 -13.60 11.02
CA GLY A 89 8.40 -12.35 11.75
C GLY A 89 9.51 -11.38 11.34
N TYR A 90 10.55 -11.89 10.69
CA TYR A 90 11.67 -11.06 10.28
C TYR A 90 11.66 -10.88 8.77
N TYR A 91 11.80 -9.65 8.31
CA TYR A 91 11.73 -9.37 6.88
C TYR A 91 13.02 -8.72 6.39
N LYS A 92 13.33 -8.96 5.13
CA LYS A 92 14.56 -8.48 4.53
C LYS A 92 14.29 -8.12 3.07
N LEU A 93 14.88 -7.03 2.60
CA LEU A 93 14.78 -6.65 1.21
C LEU A 93 15.57 -7.62 0.35
N LEU A 94 14.93 -8.13 -0.70
CA LEU A 94 15.50 -9.20 -1.49
C LEU A 94 15.85 -8.69 -2.89
N GLY A 1 -23.90 -10.85 15.76
CA GLY A 1 -25.25 -10.32 15.46
C GLY A 1 -25.33 -8.82 15.72
N THR A 2 -26.19 -8.45 16.67
CA THR A 2 -26.40 -7.05 17.03
C THR A 2 -27.03 -6.28 15.87
N GLY A 3 -28.35 -6.14 15.91
CA GLY A 3 -29.05 -5.47 14.85
C GLY A 3 -29.38 -6.40 13.70
N GLY A 4 -28.38 -6.71 12.91
CA GLY A 4 -28.57 -7.61 11.78
C GLY A 4 -27.25 -8.09 11.21
N ILE A 5 -27.32 -8.93 10.18
CA ILE A 5 -26.12 -9.44 9.54
C ILE A 5 -25.77 -8.59 8.32
N MET A 6 -26.51 -8.78 7.24
CA MET A 6 -26.31 -8.01 6.02
C MET A 6 -27.26 -6.82 6.01
N MET A 7 -28.39 -6.99 6.67
CA MET A 7 -29.36 -5.92 6.85
C MET A 7 -29.57 -5.68 8.33
N GLU A 8 -29.38 -4.44 8.76
CA GLU A 8 -29.51 -4.10 10.16
C GLU A 8 -30.95 -3.69 10.49
N GLU A 9 -31.50 -2.83 9.64
CA GLU A 9 -32.86 -2.31 9.79
C GLU A 9 -33.04 -1.14 8.83
N ARG A 10 -33.83 -1.34 7.80
CA ARG A 10 -34.09 -0.28 6.85
C ARG A 10 -35.21 0.62 7.37
N SER A 11 -34.88 1.40 8.38
CA SER A 11 -35.82 2.34 8.95
C SER A 11 -35.90 3.58 8.06
N ILE A 12 -37.10 4.11 7.88
CA ILE A 12 -37.31 5.29 7.07
C ILE A 12 -36.97 6.54 7.90
N GLU A 13 -36.68 6.31 9.17
CA GLU A 13 -36.26 7.37 10.09
C GLU A 13 -35.05 8.11 9.52
N GLU A 14 -35.08 9.44 9.62
CA GLU A 14 -33.97 10.25 9.15
C GLU A 14 -33.32 10.99 10.30
N PRO A 15 -32.43 10.33 11.05
CA PRO A 15 -31.76 10.93 12.20
C PRO A 15 -30.66 11.90 11.78
N MET A 16 -30.32 12.83 12.66
CA MET A 16 -29.26 13.79 12.40
C MET A 16 -27.92 13.23 12.82
N GLU A 17 -27.92 11.96 13.22
CA GLU A 17 -26.69 11.27 13.57
C GLU A 17 -25.92 10.91 12.32
N GLU A 18 -25.14 11.88 11.84
CA GLU A 18 -24.32 11.70 10.65
C GLU A 18 -23.32 10.57 10.84
N LEU A 19 -23.10 9.79 9.80
CA LEU A 19 -22.17 8.68 9.87
C LEU A 19 -21.09 8.82 8.81
N LEU A 20 -19.84 8.68 9.24
CA LEU A 20 -18.72 8.80 8.33
C LEU A 20 -17.90 7.50 8.33
N GLU A 21 -18.16 6.64 9.31
CA GLU A 21 -17.47 5.38 9.39
C GLU A 21 -18.12 4.37 8.45
N GLU A 22 -17.84 4.53 7.17
CA GLU A 22 -18.37 3.65 6.15
C GLU A 22 -17.31 2.67 5.72
N GLU A 23 -17.64 1.39 5.71
CA GLU A 23 -16.72 0.36 5.28
C GLU A 23 -16.69 0.29 3.75
N ILE A 24 -15.81 1.08 3.16
CA ILE A 24 -15.68 1.11 1.72
C ILE A 24 -14.40 0.42 1.27
N PRO A 25 -14.53 -0.67 0.51
CA PRO A 25 -13.38 -1.39 -0.03
C PRO A 25 -12.84 -0.72 -1.28
N GLU A 26 -12.16 0.39 -1.10
CA GLU A 26 -11.60 1.14 -2.21
C GLU A 26 -10.60 0.30 -2.99
N GLU A 27 -10.91 0.05 -4.26
CA GLU A 27 -10.07 -0.79 -5.10
C GLU A 27 -9.70 -0.04 -6.37
N LYS A 28 -8.46 -0.19 -6.79
CA LYS A 28 -7.94 0.53 -7.96
C LYS A 28 -8.01 2.03 -7.73
N GLU A 29 -7.04 2.54 -7.00
CA GLU A 29 -6.98 3.95 -6.65
C GLU A 29 -5.53 4.35 -6.40
N GLU A 30 -5.22 5.63 -6.58
CA GLU A 30 -3.89 6.14 -6.30
C GLU A 30 -3.67 6.19 -4.80
N ASN A 31 -3.33 5.05 -4.23
CA ASN A 31 -3.14 4.93 -2.80
C ASN A 31 -1.71 5.30 -2.43
N GLU A 32 -1.48 6.60 -2.34
CA GLU A 32 -0.17 7.13 -2.00
C GLU A 32 0.21 6.72 -0.59
N LEU A 33 -0.78 6.55 0.26
CA LEU A 33 -0.55 6.17 1.65
C LEU A 33 0.14 4.81 1.71
N LEU A 34 -0.39 3.86 0.98
CA LEU A 34 0.17 2.51 0.95
C LEU A 34 1.49 2.49 0.20
N GLU A 35 1.61 3.31 -0.83
CA GLU A 35 2.85 3.42 -1.58
C GLU A 35 3.95 3.95 -0.67
N LYS A 36 3.63 4.99 0.08
CA LYS A 36 4.57 5.59 1.00
C LYS A 36 4.90 4.64 2.13
N ALA A 37 3.90 3.87 2.58
CA ALA A 37 4.11 2.87 3.61
C ALA A 37 5.13 1.83 3.17
N LYS A 38 4.96 1.34 1.96
CA LYS A 38 5.87 0.34 1.41
C LYS A 38 7.27 0.93 1.26
N GLU A 39 7.33 2.15 0.74
CA GLU A 39 8.60 2.84 0.57
C GLU A 39 9.27 3.09 1.92
N ASP A 40 8.46 3.40 2.92
CA ASP A 40 8.96 3.67 4.27
C ASP A 40 9.57 2.40 4.85
N ILE A 41 8.88 1.28 4.66
CA ILE A 41 9.38 -0.02 5.11
C ILE A 41 10.69 -0.36 4.39
N LEU A 42 10.70 -0.14 3.08
CA LEU A 42 11.90 -0.39 2.28
C LEU A 42 13.05 0.50 2.73
N ASN A 43 12.72 1.72 3.12
CA ASN A 43 13.71 2.65 3.63
C ASN A 43 14.29 2.12 4.95
N ILE A 44 13.42 1.58 5.79
CA ILE A 44 13.86 1.00 7.07
C ILE A 44 14.79 -0.18 6.82
N LEU A 45 14.37 -1.06 5.91
CA LEU A 45 15.14 -2.24 5.56
C LEU A 45 16.48 -1.83 4.96
N ARG A 46 16.47 -0.78 4.14
CA ARG A 46 17.67 -0.33 3.47
C ARG A 46 18.62 0.36 4.45
N GLN A 47 18.05 1.04 5.44
CA GLN A 47 18.84 1.80 6.40
C GLN A 47 19.76 0.89 7.21
N LYS A 48 19.25 -0.26 7.63
CA LYS A 48 20.02 -1.16 8.47
C LYS A 48 20.50 -2.39 7.70
N ARG A 49 19.86 -2.64 6.56
CA ARG A 49 20.21 -3.75 5.66
C ARG A 49 20.18 -5.10 6.35
N THR A 50 19.28 -5.27 7.31
CA THR A 50 19.13 -6.54 8.00
C THR A 50 17.67 -6.96 8.08
N ALA A 51 17.44 -8.21 8.48
CA ALA A 51 16.09 -8.72 8.63
C ALA A 51 15.38 -8.06 9.81
N ILE A 52 14.31 -7.36 9.52
CA ILE A 52 13.59 -6.60 10.53
C ILE A 52 12.29 -7.32 10.89
N SER A 53 12.05 -7.47 12.19
CA SER A 53 10.86 -8.13 12.69
C SER A 53 9.64 -7.20 12.63
N ARG A 54 8.47 -7.79 12.51
CA ARG A 54 7.22 -7.05 12.46
C ARG A 54 7.04 -6.20 13.70
N LYS A 55 7.49 -6.70 14.83
CA LYS A 55 7.41 -5.96 16.09
C LYS A 55 8.18 -4.64 15.98
N TYR A 56 9.34 -4.68 15.33
CA TYR A 56 10.15 -3.48 15.15
C TYR A 56 9.48 -2.55 14.14
N ILE A 57 8.85 -3.13 13.13
CA ILE A 57 8.11 -2.35 12.13
C ILE A 57 6.94 -1.65 12.82
N LEU A 58 6.30 -2.36 13.74
CA LEU A 58 5.21 -1.80 14.53
C LEU A 58 5.73 -0.70 15.45
N LYS A 59 6.94 -0.88 15.97
CA LYS A 59 7.55 0.13 16.82
C LYS A 59 7.90 1.38 16.01
N LYS A 60 8.35 1.17 14.77
CA LYS A 60 8.76 2.27 13.90
C LYS A 60 7.58 3.01 13.27
N LEU A 61 6.59 2.26 12.81
CA LEU A 61 5.48 2.86 12.07
C LEU A 61 4.15 2.76 12.82
N GLY A 62 4.22 2.41 14.10
CA GLY A 62 3.01 2.24 14.89
C GLY A 62 2.15 3.48 14.96
N ASP A 63 2.78 4.63 15.13
CA ASP A 63 2.05 5.90 15.21
C ASP A 63 2.05 6.60 13.85
N LYS A 64 2.53 5.92 12.83
CA LYS A 64 2.62 6.50 11.50
C LYS A 64 1.61 5.87 10.54
N TYR A 65 1.33 4.59 10.73
CA TYR A 65 0.39 3.87 9.87
C TYR A 65 -0.48 2.95 10.70
N ASP A 66 -1.73 2.80 10.29
CA ASP A 66 -2.65 1.90 10.99
C ASP A 66 -2.26 0.45 10.76
N GLU A 67 -2.71 -0.43 11.65
CA GLU A 67 -2.35 -1.86 11.59
C GLU A 67 -2.65 -2.43 10.20
N GLU A 68 -3.81 -2.09 9.68
CA GLU A 68 -4.24 -2.56 8.37
C GLU A 68 -3.26 -2.12 7.29
N THR A 69 -2.91 -0.85 7.32
CA THR A 69 -2.01 -0.28 6.32
C THR A 69 -0.65 -0.96 6.39
N ILE A 70 -0.20 -1.22 7.61
CA ILE A 70 1.09 -1.87 7.82
C ILE A 70 1.05 -3.29 7.27
N ASP A 71 -0.03 -4.01 7.55
CA ASP A 71 -0.16 -5.40 7.09
C ASP A 71 -0.23 -5.44 5.57
N ASP A 72 -1.00 -4.54 4.97
CA ASP A 72 -1.12 -4.47 3.52
C ASP A 72 0.23 -4.15 2.90
N ALA A 73 0.97 -3.22 3.52
CA ALA A 73 2.27 -2.84 3.02
C ALA A 73 3.23 -4.02 3.01
N ILE A 74 3.27 -4.74 4.13
CA ILE A 74 4.12 -5.91 4.26
C ILE A 74 3.71 -6.99 3.27
N THR A 75 2.41 -7.27 3.21
CA THR A 75 1.88 -8.31 2.35
C THR A 75 2.19 -8.00 0.88
N GLU A 76 1.97 -6.75 0.48
CA GLU A 76 2.25 -6.32 -0.89
C GLU A 76 3.72 -6.46 -1.21
N LEU A 77 4.58 -5.96 -0.31
CA LEU A 77 6.02 -6.03 -0.50
C LEU A 77 6.49 -7.48 -0.59
N LEU A 78 5.88 -8.35 0.21
CA LEU A 78 6.24 -9.76 0.23
C LEU A 78 5.81 -10.44 -1.07
N ALA A 79 4.57 -10.19 -1.47
CA ALA A 79 4.02 -10.80 -2.68
C ALA A 79 4.73 -10.31 -3.93
N GLN A 80 5.06 -9.02 -3.96
CA GLN A 80 5.72 -8.43 -5.13
C GLN A 80 7.20 -8.80 -5.18
N GLY A 81 7.66 -9.51 -4.16
CA GLY A 81 9.03 -9.99 -4.15
C GLY A 81 10.05 -8.90 -3.88
N GLU A 82 9.62 -7.85 -3.20
CA GLU A 82 10.52 -6.77 -2.85
C GLU A 82 11.14 -7.03 -1.49
N ILE A 83 10.47 -7.84 -0.69
CA ILE A 83 11.01 -8.30 0.58
C ILE A 83 10.87 -9.80 0.68
N TYR A 84 11.63 -10.41 1.57
CA TYR A 84 11.57 -11.84 1.81
C TYR A 84 11.51 -12.11 3.31
N GLU A 85 11.05 -13.29 3.67
CA GLU A 85 10.92 -13.65 5.07
C GLU A 85 11.84 -14.85 5.39
N PRO A 86 13.07 -14.59 5.86
CA PRO A 86 14.01 -15.66 6.25
C PRO A 86 13.54 -16.38 7.51
N GLU A 87 12.96 -15.63 8.41
CA GLU A 87 12.39 -16.15 9.63
C GLU A 87 11.00 -15.57 9.78
N THR A 88 10.05 -16.38 10.22
CA THR A 88 8.67 -15.94 10.30
C THR A 88 8.55 -14.71 11.20
N GLY A 89 8.10 -13.60 10.61
CA GLY A 89 8.00 -12.37 11.35
C GLY A 89 9.17 -11.43 11.10
N TYR A 90 10.21 -11.93 10.43
CA TYR A 90 11.37 -11.12 10.07
C TYR A 90 11.43 -10.94 8.57
N TYR A 91 11.61 -9.72 8.11
CA TYR A 91 11.61 -9.45 6.68
C TYR A 91 12.89 -8.77 6.24
N LYS A 92 13.35 -9.14 5.06
CA LYS A 92 14.59 -8.64 4.50
C LYS A 92 14.35 -8.18 3.07
N LEU A 93 14.87 -7.01 2.73
CA LEU A 93 14.71 -6.46 1.40
C LEU A 93 15.49 -7.26 0.38
N LEU A 94 14.88 -7.47 -0.78
CA LEU A 94 15.53 -8.18 -1.88
C LEU A 94 16.09 -7.19 -2.88
#